data_7ZR3
#
_entry.id   7ZR3
#
_cell.length_a   63.958
_cell.length_b   116.666
_cell.length_c   128.557
_cell.angle_alpha   90.000
_cell.angle_beta   90.000
_cell.angle_gamma   90.000
#
_symmetry.space_group_name_H-M   'P 21 21 21'
#
loop_
_entity.id
_entity.type
_entity.pdbx_description
1 polymer EH0
2 non-polymer 'ACETATE ION'
3 non-polymer 'CHLORIDE ION'
4 non-polymer GLYCEROL
5 non-polymer DI(HYDROXYETHYL)ETHER
6 water water
#
_entity_poly.entity_id   1
_entity_poly.type   'polypeptide(L)'
_entity_poly.pdbx_seq_one_letter_code
;MGSSHHHHHHSSGRENLYFQGMTELFVRPDVRGFLDFLNNLPGPKMHELDAPTARQMYVAMKDVGDPPVGELGTLLDLSI
PGPGGDIPARLYDPRASREPGPAIVFFHGGGFVIGDLESHGSFTAEMARVLDLPVIAVDYRLAPEFPWPAAPDDCEAAAR
WVANSPAELGRSVTSLVLCGDSAGGNLVIVTAAALRDQPAKVPVIAQLPFYPATDASKEYPSYAEFAEGYLLTRDSMEWF
MAAYKSEADHIRSSPLLGDLAGMPPAVVVTGGLDPIRDQGRAYAAALALAGVPVVFREAKGNIHGFITLRKAIPSSVGDV
MGAFAALKDIIVEAEGDRAMAQAAA
;
_entity_poly.pdbx_strand_id   A,B
#
# COMPACT_ATOMS: atom_id res chain seq x y z
N GLU A 24 -5.71 1.27 22.35
CA GLU A 24 -6.00 1.15 20.88
C GLU A 24 -6.32 2.52 20.28
N LEU A 25 -7.02 3.37 21.05
CA LEU A 25 -7.12 4.84 20.82
C LEU A 25 -6.20 5.52 21.82
N PHE A 26 -5.14 6.16 21.36
CA PHE A 26 -4.12 6.62 22.32
C PHE A 26 -3.40 7.84 21.77
N VAL A 27 -2.67 8.48 22.67
CA VAL A 27 -1.80 9.64 22.37
C VAL A 27 -0.40 9.23 22.83
N ARG A 28 0.60 9.22 21.93
CA ARG A 28 1.99 8.93 22.39
C ARG A 28 2.36 9.93 23.47
N PRO A 29 3.14 9.54 24.51
CA PRO A 29 3.61 10.52 25.51
C PRO A 29 4.43 11.70 24.98
N ASP A 30 5.29 11.53 23.98
CA ASP A 30 6.05 12.70 23.41
C ASP A 30 5.05 13.66 22.69
N VAL A 31 3.98 13.11 22.11
CA VAL A 31 2.93 13.93 21.43
C VAL A 31 2.22 14.81 22.48
N ARG A 32 1.84 14.26 23.62
CA ARG A 32 1.16 15.01 24.73
C ARG A 32 2.05 16.18 25.14
N GLY A 33 3.36 15.97 25.21
CA GLY A 33 4.30 17.02 25.63
C GLY A 33 4.32 18.16 24.64
N PHE A 34 4.27 17.84 23.35
CA PHE A 34 4.31 18.89 22.31
C PHE A 34 3.01 19.69 22.37
N LEU A 35 1.87 19.02 22.52
CA LEU A 35 0.55 19.69 22.60
C LEU A 35 0.49 20.61 23.84
N ASP A 36 1.08 20.19 24.96
CA ASP A 36 1.20 21.03 26.20
C ASP A 36 2.06 22.26 25.88
N PHE A 37 3.18 22.08 25.18
CA PHE A 37 4.10 23.17 24.81
C PHE A 37 3.33 24.21 23.98
N LEU A 38 2.48 23.73 23.06
CA LEU A 38 1.69 24.61 22.16
C LEU A 38 0.69 25.42 23.00
N ASN A 39 -0.02 24.79 23.92
CA ASN A 39 -1.01 25.49 24.77
C ASN A 39 -0.34 26.53 25.69
N ASN A 40 0.92 26.34 26.06
CA ASN A 40 1.63 27.23 27.02
C ASN A 40 2.33 28.39 26.28
N LEU A 41 2.31 28.43 24.95
CA LEU A 41 3.04 29.50 24.21
C LEU A 41 2.40 30.84 24.53
N PRO A 42 3.17 31.77 25.15
CA PRO A 42 2.62 33.08 25.49
C PRO A 42 2.57 33.97 24.24
N GLY A 43 1.84 35.08 24.36
CA GLY A 43 1.68 36.08 23.29
C GLY A 43 2.75 37.16 23.35
N PRO A 44 2.71 38.15 22.43
CA PRO A 44 3.70 39.21 22.43
C PRO A 44 3.57 40.00 23.74
N LYS A 45 4.67 40.52 24.29
CA LYS A 45 4.62 41.25 25.57
C LYS A 45 3.49 42.28 25.47
N MET A 46 3.10 42.61 24.22
CA MET A 46 1.89 43.42 23.88
C MET A 46 0.66 42.88 24.65
N HIS A 47 0.29 41.61 24.46
CA HIS A 47 -0.77 40.90 25.23
C HIS A 47 -0.53 39.39 25.21
N GLU A 48 -0.30 38.73 26.36
CA GLU A 48 -0.02 37.26 26.37
C GLU A 48 -1.29 36.47 25.94
N LEU A 49 -2.34 36.24 26.83
CA LEU A 49 -3.72 35.74 26.45
C LEU A 49 -3.63 34.50 25.58
N ASP A 50 -4.45 34.56 24.51
CA ASP A 50 -4.29 33.56 23.45
C ASP A 50 -3.55 34.27 22.31
N ALA A 51 -2.24 33.97 22.23
CA ALA A 51 -1.18 34.67 21.44
C ALA A 51 -0.48 33.72 20.45
N PRO A 52 -0.53 34.01 19.12
CA PRO A 52 0.20 33.25 18.13
C PRO A 52 0.93 34.05 17.04
N THR A 53 1.60 35.16 17.37
CA THR A 53 2.32 35.95 16.33
C THR A 53 3.16 34.98 15.52
N ALA A 54 3.04 35.03 14.19
CA ALA A 54 3.82 34.17 13.26
C ALA A 54 5.30 34.31 13.61
N ARG A 55 5.76 35.51 14.00
CA ARG A 55 7.17 35.77 14.41
C ARG A 55 7.55 34.88 15.61
N GLN A 56 6.68 34.77 16.62
CA GLN A 56 6.95 33.96 17.84
C GLN A 56 6.91 32.47 17.48
N MET A 57 5.89 32.06 16.71
CA MET A 57 5.71 30.68 16.20
C MET A 57 6.97 30.24 15.46
N TYR A 58 7.47 31.11 14.59
CA TYR A 58 8.69 30.92 13.77
C TYR A 58 9.92 30.65 14.66
N VAL A 59 10.09 31.47 15.71
CA VAL A 59 11.20 31.34 16.69
C VAL A 59 11.01 30.00 17.43
N ALA A 60 9.80 29.76 17.93
CA ALA A 60 9.47 28.59 18.79
C ALA A 60 9.70 27.29 18.00
N MET A 61 9.16 27.21 16.79
CA MET A 61 9.19 25.98 15.95
C MET A 61 10.62 25.71 15.45
N LYS A 62 11.34 26.76 15.03
CA LYS A 62 12.77 26.66 14.66
C LYS A 62 13.58 26.07 15.83
N ASP A 63 13.28 26.49 17.05
CA ASP A 63 14.01 26.05 18.27
C ASP A 63 13.71 24.57 18.58
N VAL A 64 12.43 24.14 18.61
CA VAL A 64 12.02 22.84 19.26
C VAL A 64 11.72 21.76 18.21
N GLY A 65 11.37 22.12 16.98
CA GLY A 65 10.76 21.17 16.03
C GLY A 65 11.67 20.03 15.66
N ASP A 66 12.74 20.34 14.93
CA ASP A 66 13.51 19.29 14.21
C ASP A 66 14.98 19.29 14.61
N PRO A 67 15.73 18.22 14.32
CA PRO A 67 17.18 18.23 14.47
C PRO A 67 17.89 19.18 13.52
N PRO A 68 19.19 19.42 13.75
CA PRO A 68 19.97 20.24 12.82
C PRO A 68 19.96 19.62 11.43
N VAL A 69 20.27 20.41 10.41
CA VAL A 69 20.47 19.96 9.01
C VAL A 69 21.57 18.92 8.99
N GLY A 70 22.67 19.19 9.72
CA GLY A 70 23.76 18.21 9.84
C GLY A 70 24.66 18.21 8.61
N GLU A 71 25.36 17.10 8.36
CA GLU A 71 26.48 17.00 7.37
C GLU A 71 25.97 16.44 6.03
N LEU A 72 26.35 17.08 4.93
CA LEU A 72 26.08 16.59 3.57
C LEU A 72 27.33 16.78 2.70
N GLY A 73 27.51 15.92 1.71
CA GLY A 73 28.49 16.09 0.63
C GLY A 73 28.11 17.24 -0.30
N THR A 74 26.81 17.52 -0.44
CA THR A 74 26.31 18.64 -1.29
C THR A 74 25.16 19.33 -0.59
N LEU A 75 25.25 20.64 -0.48
CA LEU A 75 24.18 21.49 0.09
C LEU A 75 24.29 22.80 -0.64
N LEU A 76 23.53 22.96 -1.71
CA LEU A 76 23.82 23.95 -2.77
C LEU A 76 22.55 24.71 -3.16
N ASP A 77 22.62 26.04 -3.16
CA ASP A 77 21.53 26.90 -3.66
C ASP A 77 21.44 26.81 -5.18
N LEU A 78 20.21 26.81 -5.69
CA LEU A 78 19.94 26.77 -7.14
C LEU A 78 18.96 27.85 -7.51
N SER A 79 19.02 28.24 -8.78
CA SER A 79 18.07 29.20 -9.40
CA SER A 79 18.07 29.18 -9.40
C SER A 79 17.44 28.50 -10.61
N ILE A 80 16.14 28.23 -10.53
CA ILE A 80 15.44 27.50 -11.63
C ILE A 80 14.64 28.50 -12.45
N PRO A 81 14.86 28.61 -13.78
CA PRO A 81 14.02 29.48 -14.61
C PRO A 81 12.55 29.06 -14.53
N GLY A 82 11.67 30.01 -14.28
CA GLY A 82 10.24 29.74 -14.06
C GLY A 82 9.39 30.70 -14.87
N PRO A 83 8.07 30.45 -14.98
CA PRO A 83 7.18 31.34 -15.75
C PRO A 83 6.99 32.74 -15.13
N GLY A 84 7.37 32.98 -13.88
CA GLY A 84 7.27 34.31 -13.25
C GLY A 84 8.60 34.83 -12.77
N GLY A 85 9.70 34.34 -13.34
CA GLY A 85 11.06 34.65 -12.85
C GLY A 85 11.70 33.44 -12.18
N ASP A 86 12.90 33.63 -11.65
CA ASP A 86 13.70 32.52 -11.10
C ASP A 86 13.03 31.96 -9.83
N ILE A 87 13.03 30.64 -9.72
CA ILE A 87 12.53 29.89 -8.53
C ILE A 87 13.75 29.48 -7.70
N PRO A 88 13.90 30.01 -6.47
CA PRO A 88 14.95 29.54 -5.59
C PRO A 88 14.70 28.07 -5.23
N ALA A 89 15.76 27.27 -5.27
CA ALA A 89 15.73 25.86 -4.87
C ALA A 89 17.01 25.51 -4.13
N ARG A 90 17.07 24.30 -3.60
CA ARG A 90 18.28 23.85 -2.86
C ARG A 90 18.49 22.35 -3.05
N LEU A 91 19.73 21.97 -3.34
CA LEU A 91 20.13 20.57 -3.54
C LEU A 91 20.76 20.05 -2.24
N TYR A 92 20.22 18.95 -1.74
CA TYR A 92 20.72 18.21 -0.56
C TYR A 92 21.14 16.83 -1.04
N ASP A 93 22.37 16.39 -0.69
CA ASP A 93 22.87 15.07 -1.13
C ASP A 93 23.92 14.61 -0.14
N PRO A 94 23.80 13.41 0.47
CA PRO A 94 24.88 12.87 1.30
C PRO A 94 26.19 12.75 0.50
N ARG A 95 26.08 12.54 -0.82
CA ARG A 95 27.28 12.36 -1.71
C ARG A 95 27.64 13.68 -2.39
N ALA A 96 28.95 13.91 -2.59
CA ALA A 96 29.50 15.02 -3.41
C ALA A 96 29.24 14.75 -4.89
N SER A 97 29.36 13.49 -5.31
CA SER A 97 29.05 13.09 -6.70
C SER A 97 28.48 11.68 -6.67
N ARG A 98 27.87 11.25 -7.76
CA ARG A 98 27.22 9.93 -7.80
C ARG A 98 26.95 9.54 -9.22
N GLU A 99 26.69 8.25 -9.41
CA GLU A 99 26.18 7.66 -10.68
C GLU A 99 24.80 8.22 -11.02
N PRO A 100 24.37 8.13 -12.30
CA PRO A 100 23.02 8.51 -12.69
C PRO A 100 21.95 7.76 -11.92
N GLY A 101 20.83 8.43 -11.63
CA GLY A 101 19.75 7.75 -10.91
C GLY A 101 18.59 8.70 -10.66
N PRO A 102 17.64 8.29 -9.80
CA PRO A 102 16.50 9.14 -9.48
C PRO A 102 16.89 10.41 -8.74
N ALA A 103 16.06 11.43 -8.87
CA ALA A 103 16.11 12.65 -8.05
C ALA A 103 14.77 12.85 -7.37
N ILE A 104 14.81 13.24 -6.12
CA ILE A 104 13.58 13.59 -5.36
C ILE A 104 13.36 15.08 -5.50
N VAL A 105 12.17 15.49 -5.85
CA VAL A 105 11.78 16.92 -5.84
C VAL A 105 10.78 17.10 -4.70
N PHE A 106 11.06 18.04 -3.80
CA PHE A 106 10.30 18.27 -2.56
C PHE A 106 9.55 19.60 -2.60
N PHE A 107 8.27 19.55 -2.24
CA PHE A 107 7.38 20.71 -2.13
C PHE A 107 6.89 20.81 -0.68
N HIS A 108 7.37 21.83 0.01
CA HIS A 108 7.07 22.04 1.44
C HIS A 108 5.58 22.38 1.61
N GLY A 109 5.07 22.00 2.74
CA GLY A 109 3.75 22.43 3.18
C GLY A 109 3.91 23.52 4.20
N GLY A 110 2.85 23.83 4.86
CA GLY A 110 2.91 24.95 5.82
C GLY A 110 2.05 24.62 7.03
N GLY A 111 1.68 25.64 7.75
CA GLY A 111 0.74 25.53 8.86
C GLY A 111 1.19 26.39 10.01
N PHE A 112 1.94 25.81 10.94
CA PHE A 112 2.49 26.55 12.10
C PHE A 112 3.40 27.68 11.61
N VAL A 113 4.21 27.39 10.60
CA VAL A 113 5.03 28.39 9.85
C VAL A 113 4.56 28.37 8.40
N ILE A 114 4.79 29.45 7.68
CA ILE A 114 4.38 29.58 6.26
C ILE A 114 5.17 28.54 5.43
N GLY A 115 6.44 28.32 5.76
CA GLY A 115 7.27 27.27 5.14
C GLY A 115 8.13 27.83 4.02
N ASP A 116 9.35 27.33 3.91
CA ASP A 116 10.35 27.78 2.91
C ASP A 116 11.45 26.72 2.86
N LEU A 117 12.63 27.04 2.32
CA LEU A 117 13.73 26.03 2.27
C LEU A 117 14.24 25.74 3.70
N GLU A 118 14.23 26.74 4.61
CA GLU A 118 14.83 26.61 5.96
C GLU A 118 13.93 25.73 6.83
N SER A 119 12.60 25.94 6.78
CA SER A 119 11.63 25.25 7.68
C SER A 119 11.73 23.73 7.51
N HIS A 120 12.03 23.24 6.31
CA HIS A 120 11.96 21.80 5.97
C HIS A 120 13.35 21.24 5.70
N GLY A 121 14.39 22.06 5.87
CA GLY A 121 15.75 21.72 5.43
C GLY A 121 16.30 20.52 6.17
N SER A 122 15.99 20.38 7.47
CA SER A 122 16.43 19.21 8.25
C SER A 122 15.77 17.93 7.73
N PHE A 123 14.49 17.99 7.34
CA PHE A 123 13.77 16.84 6.77
C PHE A 123 14.38 16.46 5.39
N THR A 124 14.57 17.42 4.50
CA THR A 124 15.08 17.15 3.13
C THR A 124 16.51 16.58 3.20
N ALA A 125 17.32 17.06 4.13
CA ALA A 125 18.70 16.52 4.33
C ALA A 125 18.61 15.05 4.79
N GLU A 126 17.72 14.77 5.74
CA GLU A 126 17.60 13.41 6.31
C GLU A 126 17.02 12.47 5.23
N MET A 127 16.04 12.92 4.45
CA MET A 127 15.49 12.14 3.31
CA MET A 127 15.49 12.16 3.29
C MET A 127 16.62 11.77 2.32
N ALA A 128 17.42 12.76 1.93
CA ALA A 128 18.59 12.58 1.03
C ALA A 128 19.53 11.50 1.65
N ARG A 129 19.83 11.58 2.94
CA ARG A 129 20.74 10.60 3.58
C ARG A 129 20.13 9.20 3.58
N VAL A 130 18.87 9.06 4.02
CA VAL A 130 18.28 7.70 4.19
C VAL A 130 18.06 7.05 2.85
N LEU A 131 17.57 7.78 1.84
CA LEU A 131 17.29 7.15 0.53
C LEU A 131 18.58 7.05 -0.29
N ASP A 132 19.63 7.77 0.12
CA ASP A 132 20.90 7.90 -0.67
C ASP A 132 20.57 8.41 -2.08
N LEU A 133 19.86 9.52 -2.17
CA LEU A 133 19.45 10.14 -3.44
C LEU A 133 19.55 11.64 -3.25
N PRO A 134 19.73 12.41 -4.33
CA PRO A 134 19.69 13.86 -4.26
C PRO A 134 18.25 14.36 -4.13
N VAL A 135 18.04 15.38 -3.30
CA VAL A 135 16.73 16.01 -3.03
C VAL A 135 16.83 17.46 -3.44
N ILE A 136 15.97 17.89 -4.37
CA ILE A 136 15.82 19.32 -4.72
C ILE A 136 14.56 19.84 -4.01
N ALA A 137 14.73 20.71 -3.03
CA ALA A 137 13.61 21.42 -2.37
C ALA A 137 13.33 22.71 -3.12
N VAL A 138 12.05 23.03 -3.32
CA VAL A 138 11.59 24.14 -4.18
C VAL A 138 10.94 25.25 -3.36
N ASP A 139 11.42 26.49 -3.54
CA ASP A 139 10.83 27.69 -2.87
C ASP A 139 9.85 28.39 -3.83
N TYR A 140 8.71 27.75 -4.04
CA TYR A 140 7.66 28.21 -4.98
C TYR A 140 7.01 29.46 -4.44
N ARG A 141 6.46 30.25 -5.36
CA ARG A 141 5.78 31.53 -5.06
C ARG A 141 4.51 31.26 -4.25
N LEU A 142 4.38 32.01 -3.17
CA LEU A 142 3.28 31.93 -2.19
C LEU A 142 2.25 33.03 -2.40
N ALA A 143 1.04 32.73 -1.98
CA ALA A 143 -0.04 33.72 -1.82
C ALA A 143 0.01 34.33 -0.42
N PRO A 144 -0.54 35.54 -0.20
CA PRO A 144 -1.28 36.28 -1.24
C PRO A 144 -0.46 37.13 -2.21
N GLU A 145 0.86 37.25 -2.03
CA GLU A 145 1.70 38.05 -2.94
C GLU A 145 1.53 37.56 -4.38
N PHE A 146 1.55 36.25 -4.62
CA PHE A 146 1.45 35.67 -5.98
C PHE A 146 0.21 34.80 -6.03
N PRO A 147 -0.85 35.25 -6.72
CA PRO A 147 -2.07 34.46 -6.82
C PRO A 147 -1.83 33.09 -7.42
N TRP A 148 -2.76 32.19 -7.16
CA TRP A 148 -2.91 30.96 -7.96
C TRP A 148 -2.96 31.37 -9.44
N PRO A 149 -2.33 30.64 -10.38
CA PRO A 149 -1.64 29.37 -10.13
C PRO A 149 -0.11 29.41 -10.00
N ALA A 150 0.44 30.42 -9.33
CA ALA A 150 1.91 30.59 -9.24
C ALA A 150 2.56 29.36 -8.55
N ALA A 151 1.97 28.84 -7.48
CA ALA A 151 2.63 27.76 -6.68
C ALA A 151 2.74 26.49 -7.53
N PRO A 152 1.63 25.91 -8.06
CA PRO A 152 1.75 24.72 -8.91
C PRO A 152 2.54 24.97 -10.20
N ASP A 153 2.47 26.16 -10.80
CA ASP A 153 3.30 26.50 -11.98
C ASP A 153 4.78 26.36 -11.63
N ASP A 154 5.20 26.90 -10.49
CA ASP A 154 6.62 26.82 -10.05
C ASP A 154 7.01 25.37 -9.77
N CYS A 155 6.14 24.62 -9.09
CA CYS A 155 6.46 23.20 -8.77
C CYS A 155 6.62 22.40 -10.08
N GLU A 156 5.73 22.59 -11.03
CA GLU A 156 5.81 21.87 -12.32
C GLU A 156 7.09 22.32 -13.07
N ALA A 157 7.35 23.62 -13.14
CA ALA A 157 8.58 24.14 -13.79
C ALA A 157 9.81 23.50 -13.13
N ALA A 158 9.86 23.40 -11.81
CA ALA A 158 11.03 22.87 -11.10
C ALA A 158 11.20 21.38 -11.45
N ALA A 159 10.12 20.59 -11.44
CA ALA A 159 10.21 19.14 -11.74
C ALA A 159 10.75 18.94 -13.17
N ARG A 160 10.24 19.69 -14.13
CA ARG A 160 10.64 19.53 -15.56
C ARG A 160 12.12 19.91 -15.72
N TRP A 161 12.58 20.92 -14.96
CA TRP A 161 14.00 21.39 -14.99
C TRP A 161 14.90 20.30 -14.46
N VAL A 162 14.58 19.75 -13.29
CA VAL A 162 15.41 18.66 -12.70
C VAL A 162 15.46 17.49 -13.70
N ALA A 163 14.34 17.17 -14.32
CA ALA A 163 14.19 15.99 -15.21
C ALA A 163 15.11 16.14 -16.44
N ASN A 164 15.45 17.39 -16.84
CA ASN A 164 16.37 17.70 -17.97
C ASN A 164 17.85 17.56 -17.59
N SER A 165 18.20 17.24 -16.35
CA SER A 165 19.62 17.07 -15.91
C SER A 165 20.42 18.32 -16.30
N PRO A 166 20.05 19.52 -15.80
CA PRO A 166 20.73 20.75 -16.20
C PRO A 166 22.21 20.69 -15.78
N ALA A 167 23.09 21.22 -16.61
CA ALA A 167 24.56 21.20 -16.39
C ALA A 167 24.88 21.67 -14.95
N GLU A 168 24.27 22.77 -14.49
CA GLU A 168 24.60 23.42 -13.19
C GLU A 168 24.18 22.55 -11.99
N LEU A 169 23.32 21.54 -12.21
CA LEU A 169 22.82 20.69 -11.09
C LEU A 169 23.90 19.69 -10.76
N GLY A 170 24.73 19.33 -11.76
CA GLY A 170 25.81 18.34 -11.55
C GLY A 170 25.26 16.96 -11.22
N ARG A 171 24.08 16.62 -11.76
CA ARG A 171 23.49 15.28 -11.56
C ARG A 171 22.89 14.80 -12.88
N SER A 172 23.06 13.52 -13.20
CA SER A 172 22.34 12.85 -14.30
C SER A 172 21.09 12.21 -13.71
N VAL A 173 19.93 12.66 -14.15
CA VAL A 173 18.63 12.28 -13.54
C VAL A 173 17.93 11.31 -14.49
N THR A 174 17.66 10.10 -14.03
CA THR A 174 17.00 9.04 -14.84
C THR A 174 15.50 8.93 -14.52
N SER A 175 15.04 9.56 -13.45
CA SER A 175 13.61 9.50 -13.03
C SER A 175 13.37 10.51 -11.91
N LEU A 176 12.12 10.86 -11.66
CA LEU A 176 11.69 11.77 -10.56
C LEU A 176 10.91 11.00 -9.47
N VAL A 177 11.15 11.38 -8.22
CA VAL A 177 10.29 11.03 -7.08
C VAL A 177 9.77 12.33 -6.50
N LEU A 178 8.46 12.45 -6.30
CA LEU A 178 7.87 13.71 -5.78
C LEU A 178 7.45 13.49 -4.32
N CYS A 179 7.79 14.43 -3.45
CA CYS A 179 7.51 14.34 -2.00
C CYS A 179 7.04 15.71 -1.47
N GLY A 180 6.14 15.68 -0.50
CA GLY A 180 5.63 16.93 0.11
C GLY A 180 4.74 16.66 1.27
N ASP A 181 4.55 17.67 2.13
CA ASP A 181 3.73 17.50 3.34
C ASP A 181 2.54 18.46 3.29
N SER A 182 1.42 18.00 3.80
CA SER A 182 0.19 18.80 4.01
C SER A 182 -0.24 19.40 2.65
N ALA A 183 -0.30 20.73 2.48
CA ALA A 183 -0.67 21.30 1.16
C ALA A 183 0.44 21.02 0.13
N GLY A 184 1.67 20.85 0.58
CA GLY A 184 2.80 20.40 -0.28
C GLY A 184 2.54 19.01 -0.84
N GLY A 185 1.84 18.18 -0.06
CA GLY A 185 1.30 16.90 -0.53
C GLY A 185 0.38 17.07 -1.74
N ASN A 186 -0.51 18.07 -1.72
CA ASN A 186 -1.38 18.33 -2.90
C ASN A 186 -0.53 18.83 -4.07
N LEU A 187 0.52 19.64 -3.81
CA LEU A 187 1.45 20.05 -4.90
C LEU A 187 2.11 18.82 -5.52
N VAL A 188 2.41 17.78 -4.72
CA VAL A 188 2.87 16.46 -5.25
C VAL A 188 1.82 15.89 -6.20
N ILE A 189 0.57 15.84 -5.77
CA ILE A 189 -0.50 15.16 -6.52
C ILE A 189 -0.75 15.91 -7.85
N VAL A 190 -0.90 17.22 -7.79
CA VAL A 190 -1.17 18.06 -9.00
C VAL A 190 0.05 18.00 -9.95
N THR A 191 1.28 18.03 -9.45
CA THR A 191 2.50 17.98 -10.32
C THR A 191 2.58 16.61 -11.00
N ALA A 192 2.30 15.53 -10.26
CA ALA A 192 2.34 14.17 -10.82
C ALA A 192 1.31 14.06 -11.94
N ALA A 193 0.08 14.56 -11.74
CA ALA A 193 -0.99 14.56 -12.76
C ALA A 193 -0.56 15.40 -13.99
N ALA A 194 0.12 16.51 -13.81
CA ALA A 194 0.59 17.37 -14.93
C ALA A 194 1.61 16.60 -15.77
N LEU A 195 2.58 15.92 -15.12
CA LEU A 195 3.65 15.18 -15.82
C LEU A 195 3.09 13.86 -16.38
N ARG A 196 2.06 13.28 -15.76
CA ARG A 196 1.33 12.13 -16.34
C ARG A 196 0.77 12.54 -17.71
N ASP A 197 0.11 13.68 -17.78
CA ASP A 197 -0.61 14.14 -18.99
C ASP A 197 0.39 14.59 -20.06
N GLN A 198 1.47 15.28 -19.68
CA GLN A 198 2.51 15.78 -20.61
C GLN A 198 3.86 15.47 -19.98
N PRO A 199 4.42 14.28 -20.25
CA PRO A 199 5.63 13.81 -19.62
C PRO A 199 6.81 14.78 -19.70
N ALA A 200 7.63 14.76 -18.66
CA ALA A 200 8.94 15.44 -18.62
C ALA A 200 9.93 14.53 -19.34
N LYS A 201 11.19 14.93 -19.38
CA LYS A 201 12.20 14.14 -20.11
C LYS A 201 12.30 12.75 -19.50
N VAL A 202 12.12 12.61 -18.19
CA VAL A 202 12.13 11.28 -17.53
C VAL A 202 10.82 11.12 -16.78
N PRO A 203 10.39 9.88 -16.43
CA PRO A 203 9.10 9.68 -15.76
C PRO A 203 9.17 9.93 -14.24
N VAL A 204 8.03 10.31 -13.69
CA VAL A 204 7.82 10.26 -12.24
C VAL A 204 7.57 8.79 -11.88
N ILE A 205 8.43 8.20 -11.06
CA ILE A 205 8.30 6.76 -10.72
C ILE A 205 7.70 6.56 -9.34
N ALA A 206 7.57 7.60 -8.52
CA ALA A 206 6.95 7.45 -7.19
C ALA A 206 6.52 8.81 -6.63
N GLN A 207 5.44 8.80 -5.85
CA GLN A 207 4.95 9.95 -5.09
C GLN A 207 4.87 9.57 -3.60
N LEU A 208 5.24 10.52 -2.72
CA LEU A 208 5.10 10.37 -1.28
C LEU A 208 4.51 11.64 -0.71
N PRO A 209 3.17 11.75 -0.63
CA PRO A 209 2.54 12.80 0.14
C PRO A 209 2.37 12.41 1.61
N PHE A 210 2.90 13.25 2.52
CA PHE A 210 2.72 13.11 3.98
C PHE A 210 1.47 13.90 4.38
N TYR A 211 0.57 13.26 5.12
CA TYR A 211 -0.71 13.83 5.64
C TYR A 211 -1.20 14.93 4.69
N PRO A 212 -1.48 14.58 3.43
CA PRO A 212 -1.85 15.59 2.45
C PRO A 212 -3.17 16.31 2.76
N ALA A 213 -3.17 17.61 2.48
CA ALA A 213 -4.38 18.44 2.50
C ALA A 213 -4.83 18.57 1.04
N THR A 214 -5.84 17.82 0.65
CA THR A 214 -6.14 17.51 -0.77
C THR A 214 -7.23 18.42 -1.34
N ASP A 215 -7.77 19.35 -0.56
CA ASP A 215 -8.85 20.23 -1.08
C ASP A 215 -8.92 21.51 -0.25
N ALA A 216 -8.28 22.57 -0.75
CA ALA A 216 -8.29 23.92 -0.15
C ALA A 216 -9.74 24.47 -0.10
N SER A 217 -10.67 23.88 -0.81
CA SER A 217 -12.11 24.32 -0.77
C SER A 217 -12.86 23.73 0.41
N LYS A 218 -12.33 22.67 1.04
CA LYS A 218 -13.04 21.88 2.07
C LYS A 218 -12.84 22.53 3.46
N GLU A 219 -13.93 22.77 4.17
N GLU A 219 -13.93 22.80 4.18
CA GLU A 219 -13.88 23.39 5.52
CA GLU A 219 -13.84 23.43 5.52
C GLU A 219 -13.23 22.38 6.49
C GLU A 219 -13.24 22.40 6.49
N TYR A 220 -12.44 22.86 7.43
CA TYR A 220 -11.86 21.98 8.48
C TYR A 220 -12.97 21.33 9.28
N PRO A 221 -12.82 20.06 9.73
CA PRO A 221 -13.85 19.46 10.60
C PRO A 221 -13.99 20.27 11.89
N SER A 222 -15.20 20.38 12.40
CA SER A 222 -15.43 20.94 13.75
C SER A 222 -15.00 19.87 14.82
N TYR A 223 -14.72 20.34 16.01
CA TYR A 223 -14.30 19.49 17.16
C TYR A 223 -15.15 18.21 17.24
N ALA A 224 -16.47 18.35 17.32
CA ALA A 224 -17.43 17.24 17.50
C ALA A 224 -17.44 16.28 16.31
N GLU A 225 -16.95 16.67 15.11
CA GLU A 225 -16.97 15.80 13.89
C GLU A 225 -15.75 14.86 13.84
N PHE A 226 -14.75 15.05 14.69
CA PHE A 226 -13.55 14.19 14.70
C PHE A 226 -13.71 13.18 15.83
N ALA A 227 -13.80 11.89 15.52
CA ALA A 227 -14.07 10.81 16.51
C ALA A 227 -13.02 10.79 17.63
N GLU A 228 -11.79 11.25 17.38
CA GLU A 228 -10.67 11.27 18.34
C GLU A 228 -10.49 12.68 18.90
N GLY A 229 -11.47 13.56 18.75
CA GLY A 229 -11.38 14.93 19.28
C GLY A 229 -11.06 14.90 20.79
N TYR A 230 -11.70 14.00 21.53
CA TYR A 230 -11.55 13.90 23.02
C TYR A 230 -10.09 13.68 23.40
N LEU A 231 -9.35 12.93 22.57
CA LEU A 231 -7.93 12.64 22.78
C LEU A 231 -7.09 13.85 22.43
N LEU A 232 -7.43 14.57 21.36
CA LEU A 232 -6.64 15.73 20.92
C LEU A 232 -6.88 16.91 21.86
N THR A 233 -8.12 17.09 22.36
CA THR A 233 -8.63 18.24 23.15
C THR A 233 -8.99 19.42 22.23
N ARG A 234 -9.96 20.24 22.65
CA ARG A 234 -10.47 21.37 21.85
C ARG A 234 -9.36 22.39 21.60
N ASP A 235 -8.57 22.70 22.62
CA ASP A 235 -7.48 23.72 22.51
C ASP A 235 -6.45 23.27 21.45
N SER A 236 -6.00 22.03 21.49
CA SER A 236 -5.06 21.51 20.44
C SER A 236 -5.73 21.48 19.05
N MET A 237 -6.97 21.04 18.95
CA MET A 237 -7.68 20.99 17.66
C MET A 237 -7.80 22.40 17.06
N GLU A 238 -7.95 23.44 17.88
CA GLU A 238 -7.99 24.86 17.43
C GLU A 238 -6.66 25.24 16.80
N TRP A 239 -5.54 24.78 17.33
CA TRP A 239 -4.21 25.02 16.73
C TRP A 239 -4.15 24.43 15.31
N PHE A 240 -4.57 23.20 15.18
CA PHE A 240 -4.48 22.46 13.88
C PHE A 240 -5.43 23.12 12.88
N MET A 241 -6.62 23.55 13.32
CA MET A 241 -7.57 24.26 12.47
C MET A 241 -6.93 25.56 11.95
N ALA A 242 -6.33 26.35 12.83
CA ALA A 242 -5.66 27.61 12.47
C ALA A 242 -4.53 27.35 11.45
N ALA A 243 -3.73 26.32 11.69
CA ALA A 243 -2.64 25.94 10.77
C ALA A 243 -3.21 25.60 9.37
N TYR A 244 -4.29 24.84 9.32
CA TYR A 244 -4.92 24.41 8.06
C TYR A 244 -5.40 25.64 7.28
N LYS A 245 -6.09 26.55 7.97
CA LYS A 245 -6.67 27.75 7.32
C LYS A 245 -5.56 28.62 6.78
N SER A 246 -4.54 28.87 7.57
CA SER A 246 -3.38 29.68 7.18
C SER A 246 -2.68 29.01 5.98
N GLU A 247 -2.47 27.70 6.07
CA GLU A 247 -1.81 26.98 4.98
C GLU A 247 -2.61 27.14 3.65
N ALA A 248 -3.92 26.90 3.66
CA ALA A 248 -4.77 26.99 2.47
C ALA A 248 -4.80 28.44 1.95
N ASP A 249 -4.58 29.43 2.82
CA ASP A 249 -4.47 30.85 2.40
C ASP A 249 -3.16 31.05 1.62
N HIS A 250 -2.06 30.47 2.06
CA HIS A 250 -0.71 30.75 1.47
C HIS A 250 -0.34 29.81 0.32
N ILE A 251 -0.81 28.56 0.38
CA ILE A 251 -0.40 27.47 -0.55
C ILE A 251 -1.66 27.04 -1.28
N ARG A 252 -1.85 27.56 -2.48
CA ARG A 252 -3.10 27.39 -3.22
C ARG A 252 -2.89 26.46 -4.42
N SER A 253 -3.65 25.36 -4.44
CA SER A 253 -3.73 24.39 -5.55
C SER A 253 -5.12 23.80 -5.57
N SER A 254 -5.48 23.23 -6.70
CA SER A 254 -6.81 22.71 -6.98
C SER A 254 -6.89 21.26 -6.53
N PRO A 255 -8.03 20.81 -5.99
CA PRO A 255 -8.21 19.39 -5.69
C PRO A 255 -8.21 18.59 -6.99
N LEU A 256 -7.56 17.43 -6.99
CA LEU A 256 -7.58 16.53 -8.15
C LEU A 256 -8.76 15.60 -7.95
N LEU A 257 -9.90 15.94 -8.53
CA LEU A 257 -11.19 15.24 -8.29
C LEU A 257 -11.44 14.23 -9.42
N GLY A 258 -10.70 14.33 -10.54
CA GLY A 258 -10.84 13.50 -11.75
C GLY A 258 -10.18 12.11 -11.61
N ASP A 259 -10.01 11.46 -12.74
CA ASP A 259 -9.48 10.07 -12.89
C ASP A 259 -8.02 10.02 -12.44
N LEU A 260 -7.69 9.07 -11.56
CA LEU A 260 -6.31 8.90 -11.04
C LEU A 260 -5.57 7.81 -11.79
N ALA A 261 -6.20 7.21 -12.79
CA ALA A 261 -5.55 6.18 -13.62
C ALA A 261 -4.26 6.75 -14.23
N GLY A 262 -3.19 5.99 -14.13
CA GLY A 262 -1.88 6.34 -14.73
C GLY A 262 -1.05 7.25 -13.83
N MET A 263 -1.52 7.58 -12.63
CA MET A 263 -0.69 8.27 -11.62
C MET A 263 0.45 7.37 -11.17
N PRO A 264 1.54 7.92 -10.64
CA PRO A 264 2.67 7.11 -10.23
C PRO A 264 2.37 6.34 -8.95
N PRO A 265 2.99 5.15 -8.78
CA PRO A 265 2.85 4.38 -7.55
C PRO A 265 3.19 5.24 -6.33
N ALA A 266 2.50 5.03 -5.21
CA ALA A 266 2.48 5.97 -4.08
C ALA A 266 2.77 5.29 -2.75
N VAL A 267 3.33 6.08 -1.84
CA VAL A 267 3.30 5.87 -0.38
C VAL A 267 2.50 7.05 0.17
N VAL A 268 1.35 6.79 0.80
CA VAL A 268 0.49 7.83 1.40
C VAL A 268 0.53 7.60 2.92
N VAL A 269 0.93 8.60 3.67
CA VAL A 269 1.09 8.49 5.14
C VAL A 269 0.17 9.50 5.82
N THR A 270 -0.71 9.04 6.68
CA THR A 270 -1.58 9.93 7.48
C THR A 270 -1.15 9.91 8.95
N GLY A 271 -1.69 10.88 9.70
CA GLY A 271 -1.56 10.95 11.18
C GLY A 271 -2.81 10.43 11.86
N GLY A 272 -2.70 9.52 12.84
CA GLY A 272 -3.89 8.95 13.49
C GLY A 272 -4.69 10.01 14.24
N LEU A 273 -4.01 10.99 14.84
CA LEU A 273 -4.65 12.08 15.60
C LEU A 273 -4.78 13.35 14.71
N ASP A 274 -4.81 13.18 13.39
CA ASP A 274 -4.93 14.33 12.43
C ASP A 274 -6.41 14.40 12.08
N PRO A 275 -7.13 15.49 12.46
CA PRO A 275 -8.53 15.60 12.05
C PRO A 275 -8.77 15.51 10.53
N ILE A 276 -7.76 15.78 9.69
CA ILE A 276 -7.94 15.62 8.20
C ILE A 276 -7.24 14.34 7.68
N ARG A 277 -7.06 13.34 8.55
CA ARG A 277 -6.57 12.00 8.14
C ARG A 277 -7.46 11.43 7.03
N ASP A 278 -8.77 11.72 7.05
CA ASP A 278 -9.73 11.27 6.02
C ASP A 278 -9.30 11.73 4.63
N GLN A 279 -8.55 12.84 4.50
CA GLN A 279 -8.12 13.33 3.18
C GLN A 279 -7.01 12.41 2.61
N GLY A 280 -6.00 12.06 3.39
CA GLY A 280 -4.97 11.13 2.95
C GLY A 280 -5.55 9.74 2.74
N ARG A 281 -6.45 9.32 3.63
CA ARG A 281 -7.10 7.97 3.52
C ARG A 281 -7.86 7.89 2.19
N ALA A 282 -8.64 8.92 1.86
CA ALA A 282 -9.48 8.94 0.63
C ALA A 282 -8.62 9.00 -0.61
N TYR A 283 -7.49 9.69 -0.57
CA TYR A 283 -6.55 9.70 -1.73
C TYR A 283 -5.98 8.28 -1.96
N ALA A 284 -5.44 7.64 -0.94
CA ALA A 284 -4.99 6.23 -1.01
C ALA A 284 -6.11 5.35 -1.59
N ALA A 285 -7.33 5.49 -1.08
CA ALA A 285 -8.47 4.68 -1.52
C ALA A 285 -8.75 4.92 -3.02
N ALA A 286 -8.74 6.18 -3.45
CA ALA A 286 -9.03 6.52 -4.86
C ALA A 286 -7.90 5.97 -5.76
N LEU A 287 -6.66 5.96 -5.27
CA LEU A 287 -5.54 5.37 -6.07
C LEU A 287 -5.81 3.87 -6.30
N ALA A 288 -6.11 3.14 -5.23
CA ALA A 288 -6.45 1.70 -5.29
C ALA A 288 -7.60 1.45 -6.27
N LEU A 289 -8.69 2.21 -6.16
CA LEU A 289 -9.86 2.04 -7.05
C LEU A 289 -9.47 2.27 -8.51
N ALA A 290 -8.46 3.09 -8.80
CA ALA A 290 -8.01 3.36 -10.18
C ALA A 290 -6.93 2.35 -10.59
N GLY A 291 -6.57 1.39 -9.75
CA GLY A 291 -5.54 0.40 -10.10
C GLY A 291 -4.13 0.96 -10.01
N VAL A 292 -3.93 2.06 -9.26
CA VAL A 292 -2.57 2.60 -9.02
C VAL A 292 -2.03 1.94 -7.76
N PRO A 293 -0.84 1.29 -7.81
CA PRO A 293 -0.25 0.70 -6.61
C PRO A 293 -0.06 1.76 -5.49
N VAL A 294 -0.40 1.40 -4.27
CA VAL A 294 -0.31 2.36 -3.15
C VAL A 294 0.02 1.59 -1.89
N VAL A 295 0.97 2.13 -1.15
CA VAL A 295 1.28 1.71 0.25
C VAL A 295 0.65 2.78 1.15
N PHE A 296 -0.45 2.42 1.82
CA PHE A 296 -1.13 3.29 2.81
C PHE A 296 -0.63 2.94 4.23
N ARG A 297 -0.13 3.94 4.95
CA ARG A 297 0.35 3.85 6.34
C ARG A 297 -0.30 4.96 7.17
N GLU A 298 -0.60 4.69 8.42
CA GLU A 298 -1.11 5.72 9.35
C GLU A 298 -0.26 5.67 10.61
N ALA A 299 0.27 6.82 11.00
CA ALA A 299 1.08 7.00 12.24
C ALA A 299 0.13 7.07 13.43
N LYS A 300 -0.16 5.91 14.03
CA LYS A 300 -1.11 5.79 15.16
C LYS A 300 -0.58 6.62 16.33
N GLY A 301 -1.48 7.42 16.89
CA GLY A 301 -1.20 8.32 18.02
C GLY A 301 -0.27 9.45 17.68
N ASN A 302 -0.06 9.79 16.39
CA ASN A 302 0.75 10.96 16.05
C ASN A 302 -0.12 12.00 15.33
N ILE A 303 0.36 13.22 15.29
CA ILE A 303 -0.38 14.44 14.88
C ILE A 303 -0.02 14.80 13.43
N HIS A 304 -0.86 15.63 12.84
CA HIS A 304 -0.51 16.38 11.62
C HIS A 304 0.84 17.08 11.82
N GLY A 305 1.70 17.08 10.81
CA GLY A 305 2.90 17.93 10.79
C GLY A 305 4.13 17.23 11.36
N PHE A 306 4.12 15.91 11.51
CA PHE A 306 5.16 15.20 12.31
C PHE A 306 6.54 15.16 11.59
N ILE A 307 6.65 15.38 10.27
CA ILE A 307 7.96 15.14 9.60
C ILE A 307 8.92 16.26 9.99
N THR A 308 8.42 17.42 10.41
CA THR A 308 9.27 18.55 10.88
C THR A 308 9.27 18.63 12.42
N LEU A 309 8.81 17.59 13.09
CA LEU A 309 8.76 17.57 14.57
C LEU A 309 9.55 16.38 15.11
N ARG A 310 10.64 16.01 14.43
CA ARG A 310 11.40 14.76 14.77
C ARG A 310 12.28 14.96 16.03
N LYS A 311 12.49 16.20 16.48
CA LYS A 311 13.16 16.51 17.78
C LYS A 311 12.10 16.58 18.87
N ALA A 312 11.10 17.43 18.71
CA ALA A 312 10.00 17.61 19.69
C ALA A 312 9.31 16.27 19.97
N ILE A 313 9.10 15.45 18.93
CA ILE A 313 8.31 14.17 19.00
C ILE A 313 9.17 13.07 18.38
N PRO A 314 10.17 12.53 19.12
CA PRO A 314 11.13 11.58 18.57
C PRO A 314 10.51 10.31 18.00
N SER A 315 9.34 9.93 18.46
CA SER A 315 8.63 8.76 17.89
C SER A 315 8.26 9.01 16.41
N SER A 316 8.29 10.26 15.96
CA SER A 316 8.06 10.62 14.52
C SER A 316 9.15 10.00 13.64
N VAL A 317 10.37 9.80 14.18
CA VAL A 317 11.48 9.20 13.40
C VAL A 317 11.02 7.86 12.84
N GLY A 318 10.43 6.99 13.66
CA GLY A 318 9.95 5.67 13.19
C GLY A 318 8.92 5.81 12.07
N ASP A 319 7.98 6.74 12.23
CA ASP A 319 6.95 7.02 11.20
C ASP A 319 7.65 7.37 9.88
N VAL A 320 8.58 8.31 9.91
CA VAL A 320 9.28 8.79 8.68
C VAL A 320 10.11 7.64 8.05
N MET A 321 10.85 6.89 8.87
N MET A 321 10.87 6.90 8.86
CA MET A 321 11.70 5.76 8.40
CA MET A 321 11.72 5.77 8.38
C MET A 321 10.84 4.66 7.76
C MET A 321 10.84 4.66 7.76
N GLY A 322 9.65 4.38 8.31
CA GLY A 322 8.72 3.41 7.71
C GLY A 322 8.24 3.85 6.32
N ALA A 323 7.97 5.14 6.16
CA ALA A 323 7.61 5.70 4.84
C ALA A 323 8.80 5.58 3.87
N PHE A 324 10.00 5.97 4.30
CA PHE A 324 11.22 5.94 3.45
C PHE A 324 11.53 4.51 2.99
N ALA A 325 11.30 3.50 3.83
CA ALA A 325 11.55 2.08 3.49
C ALA A 325 10.57 1.62 2.41
N ALA A 326 9.29 1.98 2.56
CA ALA A 326 8.28 1.69 1.54
C ALA A 326 8.65 2.39 0.22
N LEU A 327 9.06 3.65 0.25
CA LEU A 327 9.41 4.40 -0.99
C LEU A 327 10.64 3.74 -1.66
N LYS A 328 11.62 3.34 -0.86
CA LYS A 328 12.84 2.68 -1.38
C LYS A 328 12.42 1.42 -2.15
N ASP A 329 11.47 0.64 -1.62
CA ASP A 329 10.97 -0.59 -2.29
C ASP A 329 10.32 -0.26 -3.64
N ILE A 330 9.57 0.86 -3.73
CA ILE A 330 8.91 1.24 -5.00
C ILE A 330 9.97 1.60 -6.04
N ILE A 331 10.94 2.41 -5.61
CA ILE A 331 12.06 2.88 -6.47
C ILE A 331 12.83 1.65 -6.99
N VAL A 332 13.26 0.74 -6.12
CA VAL A 332 13.99 -0.49 -6.53
C VAL A 332 13.15 -1.27 -7.55
N GLU A 333 11.87 -1.49 -7.26
CA GLU A 333 11.00 -2.28 -8.17
C GLU A 333 10.82 -1.54 -9.49
N ALA A 334 10.61 -0.22 -9.45
CA ALA A 334 10.38 0.62 -10.65
C ALA A 334 11.60 0.53 -11.56
N GLU A 335 12.82 0.60 -11.01
CA GLU A 335 14.08 0.55 -11.80
C GLU A 335 14.32 -0.88 -12.35
N GLY A 336 14.01 -1.89 -11.54
CA GLY A 336 14.02 -3.31 -11.95
C GLY A 336 13.06 -3.60 -13.12
N ASP A 337 11.89 -2.97 -13.13
CA ASP A 337 10.85 -3.14 -14.19
C ASP A 337 11.27 -2.39 -15.45
N ARG A 338 12.06 -1.31 -15.34
CA ARG A 338 12.58 -0.53 -16.50
C ARG A 338 13.77 -1.27 -17.12
N ALA A 339 14.66 -1.86 -16.30
CA ALA A 339 15.80 -2.69 -16.77
C ALA A 339 15.29 -3.93 -17.52
N MET A 340 14.15 -4.50 -17.09
CA MET A 340 13.47 -5.68 -17.70
C MET A 340 12.90 -5.27 -19.06
N ALA A 341 12.06 -4.23 -19.11
CA ALA A 341 11.37 -3.70 -20.32
C ALA A 341 12.38 -3.34 -21.42
N GLN A 342 13.57 -2.82 -21.08
CA GLN A 342 14.67 -2.49 -22.04
C GLN A 342 15.56 -3.73 -22.27
N GLU B 24 2.62 -6.55 -19.22
CA GLU B 24 2.33 -5.24 -18.59
C GLU B 24 1.98 -4.28 -19.71
N LEU B 25 2.57 -4.54 -20.89
CA LEU B 25 2.40 -3.78 -22.15
C LEU B 25 1.05 -4.20 -22.79
N PHE B 26 -0.03 -4.06 -21.98
CA PHE B 26 -1.45 -4.46 -22.18
C PHE B 26 -1.59 -5.96 -21.94
N VAL B 27 -0.99 -6.83 -22.76
CA VAL B 27 -0.95 -8.29 -22.47
C VAL B 27 0.50 -8.79 -22.58
N ARG B 28 1.02 -9.37 -21.50
CA ARG B 28 2.40 -9.95 -21.49
C ARG B 28 2.45 -11.08 -22.50
N PRO B 29 3.58 -11.26 -23.23
CA PRO B 29 3.71 -12.36 -24.19
C PRO B 29 3.42 -13.75 -23.59
N ASP B 30 3.91 -14.05 -22.39
CA ASP B 30 3.69 -15.39 -21.77
C ASP B 30 2.18 -15.53 -21.40
N VAL B 31 1.49 -14.44 -21.12
CA VAL B 31 0.05 -14.51 -20.77
C VAL B 31 -0.73 -14.79 -22.05
N ARG B 32 -0.38 -14.13 -23.15
CA ARG B 32 -1.02 -14.33 -24.47
C ARG B 32 -0.86 -15.81 -24.85
N GLY B 33 0.32 -16.38 -24.61
CA GLY B 33 0.57 -17.81 -24.90
C GLY B 33 -0.35 -18.72 -24.09
N PHE B 34 -0.56 -18.40 -22.80
CA PHE B 34 -1.43 -19.20 -21.91
C PHE B 34 -2.88 -19.08 -22.41
N LEU B 35 -3.31 -17.89 -22.80
CA LEU B 35 -4.70 -17.70 -23.30
C LEU B 35 -4.90 -18.46 -24.62
N ASP B 36 -3.88 -18.52 -25.50
CA ASP B 36 -3.96 -19.37 -26.72
C ASP B 36 -4.05 -20.85 -26.33
N PHE B 37 -3.29 -21.28 -25.33
CA PHE B 37 -3.32 -22.66 -24.79
C PHE B 37 -4.75 -22.98 -24.31
N LEU B 38 -5.33 -22.04 -23.58
CA LEU B 38 -6.70 -22.16 -23.01
C LEU B 38 -7.70 -22.29 -24.15
N ASN B 39 -7.63 -21.41 -25.18
CA ASN B 39 -8.55 -21.49 -26.35
C ASN B 39 -8.44 -22.84 -27.08
N ASN B 40 -7.27 -23.50 -27.05
CA ASN B 40 -7.03 -24.75 -27.80
C ASN B 40 -7.62 -25.96 -27.07
N LEU B 41 -7.93 -25.84 -25.77
CA LEU B 41 -8.65 -26.90 -25.02
C LEU B 41 -10.11 -26.92 -25.41
N PRO B 42 -10.83 -28.04 -25.18
CA PRO B 42 -12.30 -28.02 -25.22
C PRO B 42 -12.78 -27.02 -24.15
N GLY B 43 -13.68 -26.14 -24.53
CA GLY B 43 -14.00 -24.92 -23.79
C GLY B 43 -15.41 -24.89 -23.23
N PRO B 44 -15.84 -23.71 -22.71
CA PRO B 44 -17.17 -23.56 -22.13
C PRO B 44 -18.30 -23.73 -23.16
N LYS B 45 -19.41 -24.36 -22.74
CA LYS B 45 -20.65 -24.56 -23.54
C LYS B 45 -21.83 -23.96 -22.79
N MET B 46 -22.60 -23.08 -23.46
CA MET B 46 -23.74 -22.37 -22.83
C MET B 46 -23.27 -21.76 -21.49
N HIS B 47 -22.11 -21.07 -21.52
CA HIS B 47 -21.57 -20.22 -20.42
C HIS B 47 -21.12 -21.06 -19.21
N GLU B 48 -20.85 -22.36 -19.39
CA GLU B 48 -20.43 -23.28 -18.29
C GLU B 48 -19.34 -24.25 -18.76
N LEU B 49 -18.60 -24.82 -17.81
CA LEU B 49 -17.69 -25.97 -18.04
C LEU B 49 -18.44 -27.25 -17.63
N ASP B 50 -18.86 -28.09 -18.59
CA ASP B 50 -19.44 -29.44 -18.28
C ASP B 50 -18.35 -30.36 -17.70
N ALA B 51 -18.75 -31.55 -17.24
CA ALA B 51 -17.92 -32.46 -16.39
C ALA B 51 -16.65 -32.92 -17.11
N PRO B 52 -16.73 -33.45 -18.35
CA PRO B 52 -15.53 -33.90 -19.09
C PRO B 52 -14.61 -32.76 -19.57
N THR B 53 -15.17 -31.62 -20.00
CA THR B 53 -14.40 -30.40 -20.35
C THR B 53 -13.56 -30.00 -19.13
N ALA B 54 -14.17 -29.92 -17.95
CA ALA B 54 -13.50 -29.52 -16.69
C ALA B 54 -12.43 -30.55 -16.35
N ARG B 55 -12.75 -31.84 -16.54
CA ARG B 55 -11.82 -32.96 -16.25
C ARG B 55 -10.52 -32.79 -17.07
N GLN B 56 -10.64 -32.53 -18.37
CA GLN B 56 -9.46 -32.39 -19.25
C GLN B 56 -8.67 -31.13 -18.83
N MET B 57 -9.39 -30.03 -18.54
CA MET B 57 -8.79 -28.76 -18.07
C MET B 57 -7.95 -29.04 -16.83
N TYR B 58 -8.45 -29.78 -15.86
CA TYR B 58 -7.69 -30.11 -14.62
C TYR B 58 -6.39 -30.89 -14.90
N VAL B 59 -6.43 -31.87 -15.80
CA VAL B 59 -5.21 -32.67 -16.17
C VAL B 59 -4.24 -31.70 -16.85
N ALA B 60 -4.74 -30.88 -17.77
CA ALA B 60 -3.95 -29.89 -18.54
C ALA B 60 -3.27 -28.93 -17.57
N MET B 61 -4.04 -28.45 -16.60
CA MET B 61 -3.53 -27.46 -15.62
C MET B 61 -2.49 -28.13 -14.74
N LYS B 62 -2.72 -29.37 -14.31
CA LYS B 62 -1.72 -30.12 -13.52
C LYS B 62 -0.41 -30.26 -14.32
N ASP B 63 -0.50 -30.51 -15.62
CA ASP B 63 0.67 -30.78 -16.50
C ASP B 63 1.46 -29.49 -16.80
N VAL B 64 0.79 -28.33 -16.96
CA VAL B 64 1.50 -27.09 -17.45
C VAL B 64 1.62 -25.98 -16.40
N GLY B 65 0.78 -25.99 -15.36
CA GLY B 65 0.55 -24.80 -14.51
C GLY B 65 1.76 -24.37 -13.71
N ASP B 66 2.15 -25.16 -12.72
CA ASP B 66 3.12 -24.74 -11.67
C ASP B 66 4.37 -25.60 -11.73
N PRO B 67 5.48 -25.15 -11.10
CA PRO B 67 6.66 -25.98 -10.94
C PRO B 67 6.40 -27.09 -9.95
N PRO B 68 7.33 -28.06 -9.80
CA PRO B 68 7.22 -29.10 -8.77
C PRO B 68 7.24 -28.52 -7.35
N VAL B 69 6.70 -29.30 -6.40
CA VAL B 69 6.69 -28.98 -4.94
C VAL B 69 8.12 -28.76 -4.45
N GLY B 70 9.07 -29.59 -4.90
CA GLY B 70 10.50 -29.43 -4.59
C GLY B 70 10.85 -29.85 -3.17
N GLU B 71 12.00 -29.38 -2.67
CA GLU B 71 12.64 -29.84 -1.40
C GLU B 71 12.11 -29.04 -0.21
N LEU B 72 11.70 -29.73 0.86
CA LEU B 72 11.36 -29.10 2.17
C LEU B 72 11.98 -29.90 3.31
N GLY B 73 12.38 -29.21 4.38
CA GLY B 73 12.76 -29.82 5.67
C GLY B 73 11.59 -30.50 6.37
N THR B 74 10.37 -29.98 6.20
CA THR B 74 9.12 -30.60 6.70
C THR B 74 8.04 -30.55 5.62
N LEU B 75 7.40 -31.71 5.38
CA LEU B 75 6.22 -31.87 4.50
C LEU B 75 5.30 -32.91 5.14
N LEU B 76 4.34 -32.47 5.94
CA LEU B 76 3.68 -33.33 6.95
C LEU B 76 2.17 -33.17 6.88
N ASP B 77 1.47 -34.28 6.64
CA ASP B 77 -0.02 -34.35 6.67
C ASP B 77 -0.49 -34.12 8.11
N LEU B 78 -1.69 -33.55 8.26
CA LEU B 78 -2.29 -33.18 9.56
C LEU B 78 -3.76 -33.44 9.49
N SER B 79 -4.35 -33.64 10.66
CA SER B 79 -5.81 -33.84 10.84
CA SER B 79 -5.80 -33.82 10.84
C SER B 79 -6.27 -32.87 11.95
N ILE B 80 -7.08 -31.88 11.59
CA ILE B 80 -7.50 -30.81 12.53
C ILE B 80 -8.93 -31.13 12.93
N PRO B 81 -9.28 -31.14 14.23
CA PRO B 81 -10.66 -31.36 14.64
C PRO B 81 -11.55 -30.17 14.29
N GLY B 82 -12.71 -30.41 13.68
CA GLY B 82 -13.60 -29.33 13.24
C GLY B 82 -15.06 -29.67 13.47
N PRO B 83 -15.97 -28.69 13.34
CA PRO B 83 -17.37 -28.87 13.72
C PRO B 83 -18.18 -29.80 12.80
N GLY B 84 -17.56 -30.33 11.74
CA GLY B 84 -18.16 -31.31 10.82
C GLY B 84 -17.31 -32.57 10.69
N GLY B 85 -16.35 -32.75 11.58
CA GLY B 85 -15.41 -33.87 11.56
C GLY B 85 -13.99 -33.38 11.46
N ASP B 86 -13.07 -34.26 11.09
CA ASP B 86 -11.63 -33.92 10.94
C ASP B 86 -11.43 -33.11 9.66
N ILE B 87 -10.49 -32.16 9.71
CA ILE B 87 -10.13 -31.27 8.56
C ILE B 87 -8.73 -31.65 8.14
N PRO B 88 -8.56 -32.19 6.92
CA PRO B 88 -7.21 -32.50 6.45
C PRO B 88 -6.46 -31.19 6.21
N ALA B 89 -5.17 -31.19 6.47
CA ALA B 89 -4.27 -30.03 6.34
C ALA B 89 -2.86 -30.56 6.09
N ARG B 90 -1.95 -29.66 5.74
CA ARG B 90 -0.55 -30.05 5.43
C ARG B 90 0.38 -28.91 5.78
N LEU B 91 1.40 -29.24 6.56
CA LEU B 91 2.49 -28.33 7.02
C LEU B 91 3.62 -28.39 6.00
N TYR B 92 3.98 -27.24 5.45
CA TYR B 92 5.17 -27.04 4.58
C TYR B 92 6.14 -26.15 5.32
N ASP B 93 7.43 -26.51 5.30
CA ASP B 93 8.46 -25.69 5.96
C ASP B 93 9.83 -26.03 5.44
N PRO B 94 10.65 -25.05 5.02
CA PRO B 94 12.01 -25.34 4.60
C PRO B 94 12.83 -25.95 5.73
N ARG B 95 12.52 -25.59 6.97
CA ARG B 95 13.29 -25.98 8.18
C ARG B 95 12.61 -27.21 8.79
N ALA B 96 13.41 -28.24 9.08
CA ALA B 96 13.02 -29.43 9.87
C ALA B 96 12.52 -28.98 11.25
N SER B 97 13.19 -27.98 11.82
CA SER B 97 12.93 -27.49 13.19
C SER B 97 13.29 -26.00 13.24
N ARG B 98 12.54 -25.20 14.00
CA ARG B 98 12.73 -23.73 14.07
C ARG B 98 12.37 -23.17 15.46
N GLU B 99 12.93 -22.01 15.77
CA GLU B 99 12.53 -21.15 16.92
C GLU B 99 11.05 -20.82 16.84
N PRO B 100 10.41 -20.35 17.95
CA PRO B 100 9.03 -19.88 17.89
C PRO B 100 8.86 -18.66 16.95
N GLY B 101 7.73 -18.57 16.26
CA GLY B 101 7.51 -17.48 15.28
C GLY B 101 6.13 -17.53 14.66
N PRO B 102 5.86 -16.65 13.67
CA PRO B 102 4.56 -16.64 13.00
C PRO B 102 4.33 -17.92 12.20
N ALA B 103 3.08 -18.29 12.04
CA ALA B 103 2.65 -19.38 11.15
C ALA B 103 1.70 -18.79 10.10
N ILE B 104 1.87 -19.19 8.85
CA ILE B 104 0.94 -18.87 7.75
C ILE B 104 -0.12 -19.94 7.66
N VAL B 105 -1.38 -19.54 7.66
CA VAL B 105 -2.49 -20.45 7.35
C VAL B 105 -3.01 -20.08 5.97
N PHE B 106 -3.13 -21.06 5.09
CA PHE B 106 -3.47 -20.85 3.66
C PHE B 106 -4.79 -21.51 3.33
N PHE B 107 -5.66 -20.75 2.68
CA PHE B 107 -7.00 -21.18 2.21
C PHE B 107 -7.05 -21.05 0.70
N HIS B 108 -7.02 -22.20 0.02
CA HIS B 108 -6.92 -22.27 -1.44
C HIS B 108 -8.19 -21.75 -2.07
N GLY B 109 -8.02 -21.34 -3.32
CA GLY B 109 -9.11 -21.00 -4.22
C GLY B 109 -9.29 -22.11 -5.23
N GLY B 110 -9.98 -21.80 -6.31
CA GLY B 110 -10.19 -22.73 -7.40
C GLY B 110 -10.47 -21.99 -8.67
N GLY B 111 -10.98 -22.72 -9.63
CA GLY B 111 -11.42 -22.15 -10.91
C GLY B 111 -10.82 -22.99 -12.02
N PHE B 112 -9.57 -22.74 -12.37
CA PHE B 112 -8.88 -23.54 -13.41
C PHE B 112 -8.46 -24.89 -12.84
N VAL B 113 -8.27 -24.95 -11.52
CA VAL B 113 -8.13 -26.19 -10.69
C VAL B 113 -9.32 -26.30 -9.73
N ILE B 114 -9.66 -27.52 -9.26
CA ILE B 114 -10.77 -27.71 -8.28
C ILE B 114 -10.41 -26.95 -7.00
N GLY B 115 -9.20 -27.22 -6.55
CA GLY B 115 -8.57 -26.64 -5.36
C GLY B 115 -8.55 -27.67 -4.25
N ASP B 116 -7.35 -28.00 -3.80
CA ASP B 116 -7.11 -28.98 -2.73
C ASP B 116 -5.66 -28.76 -2.31
N LEU B 117 -5.08 -29.68 -1.54
CA LEU B 117 -3.70 -29.55 -1.06
C LEU B 117 -2.69 -29.78 -2.19
N GLU B 118 -3.06 -30.56 -3.22
CA GLU B 118 -2.14 -30.93 -4.35
C GLU B 118 -2.04 -29.74 -5.34
N SER B 119 -3.19 -29.19 -5.74
CA SER B 119 -3.29 -28.08 -6.74
C SER B 119 -2.46 -26.85 -6.31
N HIS B 120 -2.34 -26.57 -5.02
CA HIS B 120 -1.72 -25.33 -4.48
C HIS B 120 -0.42 -25.67 -3.76
N GLY B 121 -0.03 -26.95 -3.77
CA GLY B 121 1.12 -27.45 -3.00
C GLY B 121 2.42 -26.78 -3.42
N SER B 122 2.59 -26.52 -4.69
CA SER B 122 3.84 -25.91 -5.21
C SER B 122 3.91 -24.46 -4.70
N PHE B 123 2.79 -23.76 -4.72
CA PHE B 123 2.69 -22.38 -4.22
C PHE B 123 2.99 -22.36 -2.72
N THR B 124 2.30 -23.19 -1.92
CA THR B 124 2.47 -23.18 -0.42
C THR B 124 3.91 -23.53 -0.04
N ALA B 125 4.51 -24.49 -0.73
CA ALA B 125 5.93 -24.86 -0.57
C ALA B 125 6.82 -23.65 -0.88
N GLU B 126 6.56 -22.94 -1.99
CA GLU B 126 7.43 -21.80 -2.39
C GLU B 126 7.19 -20.65 -1.41
N MET B 127 5.91 -20.43 -1.00
CA MET B 127 5.62 -19.40 0.05
CA MET B 127 5.61 -19.42 0.07
C MET B 127 6.46 -19.70 1.31
N ALA B 128 6.49 -20.95 1.81
CA ALA B 128 7.24 -21.32 3.04
C ALA B 128 8.73 -21.07 2.88
N ARG B 129 9.30 -21.42 1.74
CA ARG B 129 10.73 -21.19 1.45
C ARG B 129 11.05 -19.69 1.46
N VAL B 130 10.25 -18.87 0.76
CA VAL B 130 10.64 -17.46 0.50
C VAL B 130 10.52 -16.67 1.80
N LEU B 131 9.43 -16.86 2.54
CA LEU B 131 9.18 -16.15 3.81
C LEU B 131 10.00 -16.79 4.95
N ASP B 132 10.49 -18.02 4.76
CA ASP B 132 11.14 -18.81 5.84
C ASP B 132 10.17 -18.92 7.02
N LEU B 133 8.98 -19.47 6.77
CA LEU B 133 7.93 -19.62 7.79
C LEU B 133 7.15 -20.88 7.47
N PRO B 134 6.58 -21.53 8.50
CA PRO B 134 5.74 -22.70 8.27
C PRO B 134 4.42 -22.25 7.64
N VAL B 135 3.96 -23.01 6.67
CA VAL B 135 2.65 -22.77 6.01
C VAL B 135 1.79 -23.99 6.29
N ILE B 136 0.60 -23.76 6.83
CA ILE B 136 -0.42 -24.83 7.02
C ILE B 136 -1.50 -24.57 6.00
N ALA B 137 -1.54 -25.39 4.95
CA ALA B 137 -2.60 -25.40 3.92
C ALA B 137 -3.77 -26.22 4.46
N VAL B 138 -4.99 -25.79 4.19
CA VAL B 138 -6.23 -26.32 4.82
C VAL B 138 -7.13 -26.91 3.75
N ASP B 139 -7.52 -28.18 3.90
CA ASP B 139 -8.44 -28.85 2.94
C ASP B 139 -9.87 -28.76 3.47
N TYR B 140 -10.43 -27.55 3.47
CA TYR B 140 -11.75 -27.23 4.07
C TYR B 140 -12.85 -27.93 3.26
N ARG B 141 -13.96 -28.22 3.92
CA ARG B 141 -15.13 -28.88 3.29
C ARG B 141 -15.68 -28.02 2.16
N LEU B 142 -16.00 -28.64 1.03
CA LEU B 142 -16.49 -27.99 -0.21
C LEU B 142 -17.97 -28.28 -0.44
N ALA B 143 -18.64 -27.41 -1.19
CA ALA B 143 -20.00 -27.59 -1.74
C ALA B 143 -19.89 -28.25 -3.12
N PRO B 144 -20.94 -28.91 -3.67
CA PRO B 144 -22.26 -29.01 -3.03
C PRO B 144 -22.45 -30.08 -1.95
N GLU B 145 -21.46 -30.94 -1.70
CA GLU B 145 -21.54 -32.01 -0.68
C GLU B 145 -21.82 -31.39 0.69
N PHE B 146 -20.93 -30.50 1.16
CA PHE B 146 -21.07 -29.76 2.44
C PHE B 146 -21.43 -28.29 2.16
N PRO B 147 -22.72 -27.88 2.29
CA PRO B 147 -23.10 -26.51 1.97
C PRO B 147 -22.49 -25.47 2.93
N TRP B 148 -22.67 -24.20 2.58
CA TRP B 148 -22.33 -23.04 3.47
C TRP B 148 -23.02 -23.22 4.81
N PRO B 149 -22.40 -22.92 5.98
CA PRO B 149 -21.04 -22.35 6.07
C PRO B 149 -19.86 -23.27 6.46
N ALA B 150 -19.85 -24.50 5.96
CA ALA B 150 -18.80 -25.50 6.29
C ALA B 150 -17.40 -24.92 5.99
N ALA B 151 -17.24 -24.26 4.83
CA ALA B 151 -15.92 -23.77 4.35
C ALA B 151 -15.34 -22.77 5.36
N PRO B 152 -16.02 -21.63 5.62
CA PRO B 152 -15.50 -20.67 6.59
C PRO B 152 -15.39 -21.26 8.00
N ASP B 153 -16.33 -22.14 8.39
CA ASP B 153 -16.26 -22.85 9.71
C ASP B 153 -14.95 -23.61 9.80
N ASP B 154 -14.62 -24.38 8.76
CA ASP B 154 -13.37 -25.17 8.75
C ASP B 154 -12.18 -24.24 8.79
N CYS B 155 -12.22 -23.16 8.00
CA CYS B 155 -11.09 -22.20 7.93
C CYS B 155 -10.86 -21.57 9.31
N GLU B 156 -11.94 -21.12 9.96
CA GLU B 156 -11.80 -20.51 11.31
C GLU B 156 -11.25 -21.55 12.30
N ALA B 157 -11.81 -22.75 12.29
CA ALA B 157 -11.38 -23.84 13.22
C ALA B 157 -9.89 -24.10 13.02
N ALA B 158 -9.46 -24.19 11.77
CA ALA B 158 -8.06 -24.50 11.42
C ALA B 158 -7.15 -23.40 11.95
N ALA B 159 -7.56 -22.14 11.81
CA ALA B 159 -6.75 -20.98 12.27
C ALA B 159 -6.65 -21.01 13.80
N ARG B 160 -7.76 -21.21 14.48
CA ARG B 160 -7.79 -21.29 15.98
C ARG B 160 -6.90 -22.43 16.46
N TRP B 161 -6.94 -23.58 15.78
CA TRP B 161 -6.12 -24.78 16.10
C TRP B 161 -4.63 -24.42 16.02
N VAL B 162 -4.21 -23.80 14.90
CA VAL B 162 -2.79 -23.46 14.65
C VAL B 162 -2.31 -22.48 15.74
N ALA B 163 -3.20 -21.58 16.16
CA ALA B 163 -2.90 -20.50 17.13
C ALA B 163 -2.58 -21.12 18.50
N ASN B 164 -3.16 -22.28 18.81
CA ASN B 164 -2.93 -22.98 20.11
C ASN B 164 -1.59 -23.72 20.15
N SER B 165 -0.78 -23.68 19.08
CA SER B 165 0.55 -24.34 18.98
C SER B 165 0.44 -25.83 19.28
N PRO B 166 -0.37 -26.60 18.52
CA PRO B 166 -0.65 -27.99 18.85
C PRO B 166 0.62 -28.84 18.71
N ALA B 167 0.70 -29.92 19.50
CA ALA B 167 1.88 -30.81 19.58
C ALA B 167 2.16 -31.38 18.19
N GLU B 168 1.11 -31.66 17.40
CA GLU B 168 1.19 -32.26 16.03
C GLU B 168 2.02 -31.41 15.06
N LEU B 169 2.03 -30.07 15.19
CA LEU B 169 3.11 -29.24 14.57
C LEU B 169 4.34 -29.41 15.45
N GLY B 170 5.54 -29.49 14.88
CA GLY B 170 6.78 -29.56 15.67
C GLY B 170 7.30 -28.17 15.95
N ARG B 171 6.38 -27.21 16.15
CA ARG B 171 6.62 -25.74 16.07
C ARG B 171 5.70 -24.97 16.99
N SER B 172 6.25 -24.00 17.71
CA SER B 172 5.45 -23.07 18.54
C SER B 172 5.13 -21.80 17.71
N VAL B 173 3.88 -21.37 17.79
CA VAL B 173 3.28 -20.27 16.99
C VAL B 173 3.07 -19.00 17.86
N THR B 174 3.75 -17.90 17.53
CA THR B 174 3.61 -16.58 18.20
C THR B 174 2.53 -15.70 17.55
N SER B 175 2.07 -16.02 16.35
CA SER B 175 1.12 -15.17 15.57
C SER B 175 0.64 -15.90 14.32
N LEU B 176 -0.48 -15.45 13.76
CA LEU B 176 -1.01 -15.97 12.47
C LEU B 176 -0.79 -14.95 11.33
N VAL B 177 -0.61 -15.49 10.13
CA VAL B 177 -0.65 -14.77 8.84
C VAL B 177 -1.64 -15.53 7.98
N LEU B 178 -2.67 -14.88 7.46
CA LEU B 178 -3.67 -15.57 6.61
C LEU B 178 -3.47 -15.22 5.12
N CYS B 179 -3.53 -16.22 4.24
CA CYS B 179 -3.22 -16.08 2.81
C CYS B 179 -4.19 -16.96 2.03
N GLY B 180 -4.64 -16.52 0.88
CA GLY B 180 -5.58 -17.28 0.04
C GLY B 180 -5.77 -16.63 -1.30
N ASP B 181 -6.24 -17.39 -2.27
CA ASP B 181 -6.45 -16.89 -3.66
C ASP B 181 -7.93 -16.96 -4.03
N SER B 182 -8.42 -15.98 -4.79
CA SER B 182 -9.79 -15.96 -5.41
C SER B 182 -10.88 -16.14 -4.30
N ALA B 183 -11.75 -17.15 -4.36
CA ALA B 183 -12.74 -17.42 -3.27
C ALA B 183 -12.01 -17.76 -1.98
N GLY B 184 -10.80 -18.28 -2.06
CA GLY B 184 -9.98 -18.45 -0.84
C GLY B 184 -9.51 -17.11 -0.28
N GLY B 185 -9.41 -16.09 -1.12
CA GLY B 185 -9.11 -14.72 -0.65
C GLY B 185 -10.23 -14.21 0.26
N ASN B 186 -11.48 -14.47 -0.08
CA ASN B 186 -12.62 -14.08 0.80
C ASN B 186 -12.65 -14.93 2.09
N LEU B 187 -12.15 -16.15 2.08
CA LEU B 187 -12.01 -16.97 3.33
C LEU B 187 -10.95 -16.32 4.21
N VAL B 188 -9.92 -15.71 3.62
CA VAL B 188 -8.89 -14.95 4.41
C VAL B 188 -9.62 -13.80 5.13
N ILE B 189 -10.46 -13.07 4.42
CA ILE B 189 -11.09 -11.82 4.93
C ILE B 189 -12.09 -12.18 6.05
N VAL B 190 -13.01 -13.10 5.75
CA VAL B 190 -14.05 -13.56 6.71
C VAL B 190 -13.38 -14.12 7.98
N THR B 191 -12.32 -14.90 7.83
CA THR B 191 -11.59 -15.52 8.97
C THR B 191 -10.87 -14.45 9.79
N ALA B 192 -10.19 -13.49 9.16
CA ALA B 192 -9.50 -12.39 9.88
C ALA B 192 -10.55 -11.60 10.70
N ALA B 193 -11.73 -11.38 10.15
CA ALA B 193 -12.86 -10.67 10.83
C ALA B 193 -13.36 -11.47 12.05
N ALA B 194 -13.49 -12.79 11.93
CA ALA B 194 -13.92 -13.69 13.03
C ALA B 194 -12.90 -13.63 14.17
N LEU B 195 -11.60 -13.68 13.85
CA LEU B 195 -10.54 -13.67 14.89
C LEU B 195 -10.36 -12.24 15.42
N ARG B 196 -10.71 -11.22 14.63
CA ARG B 196 -10.73 -9.81 15.14
C ARG B 196 -11.77 -9.72 16.27
N ASP B 197 -13.00 -10.15 15.98
CA ASP B 197 -14.18 -10.05 16.87
C ASP B 197 -13.93 -10.87 18.14
N GLN B 198 -13.51 -12.12 18.00
CA GLN B 198 -13.25 -13.06 19.14
C GLN B 198 -11.86 -13.64 18.97
N PRO B 199 -10.83 -13.02 19.54
CA PRO B 199 -9.46 -13.45 19.28
C PRO B 199 -9.20 -14.93 19.53
N ALA B 200 -8.30 -15.50 18.71
CA ALA B 200 -7.63 -16.80 18.95
C ALA B 200 -6.52 -16.56 19.97
N LYS B 201 -5.72 -17.57 20.29
CA LYS B 201 -4.71 -17.49 21.37
C LYS B 201 -3.62 -16.49 21.00
N VAL B 202 -3.32 -16.34 19.71
CA VAL B 202 -2.33 -15.35 19.20
C VAL B 202 -3.03 -14.48 18.16
N PRO B 203 -2.53 -13.25 17.93
CA PRO B 203 -3.17 -12.34 16.98
C PRO B 203 -2.88 -12.72 15.51
N VAL B 204 -3.81 -12.38 14.61
CA VAL B 204 -3.53 -12.30 13.14
C VAL B 204 -2.75 -11.02 12.87
N ILE B 205 -1.47 -11.10 12.49
CA ILE B 205 -0.59 -9.91 12.26
C ILE B 205 -0.60 -9.44 10.78
N ALA B 206 -1.13 -10.21 9.84
CA ALA B 206 -1.12 -9.87 8.39
C ALA B 206 -2.12 -10.72 7.63
N GLN B 207 -2.69 -10.17 6.56
CA GLN B 207 -3.59 -10.85 5.62
C GLN B 207 -3.06 -10.62 4.20
N LEU B 208 -3.04 -11.65 3.36
CA LEU B 208 -2.65 -11.56 1.92
C LEU B 208 -3.69 -12.28 1.08
N PRO B 209 -4.81 -11.62 0.71
CA PRO B 209 -5.67 -12.13 -0.33
C PRO B 209 -5.13 -11.81 -1.74
N PHE B 210 -4.97 -12.85 -2.54
CA PHE B 210 -4.69 -12.74 -4.00
C PHE B 210 -5.99 -12.72 -4.76
N TYR B 211 -6.15 -11.72 -5.63
CA TYR B 211 -7.29 -11.53 -6.56
C TYR B 211 -8.57 -12.04 -5.91
N PRO B 212 -8.93 -11.51 -4.71
CA PRO B 212 -10.09 -12.02 -3.97
C PRO B 212 -11.41 -11.83 -4.72
N ALA B 213 -12.25 -12.86 -4.61
CA ALA B 213 -13.69 -12.83 -4.98
C ALA B 213 -14.49 -12.57 -3.70
N THR B 214 -14.93 -11.33 -3.48
CA THR B 214 -15.42 -10.83 -2.15
C THR B 214 -16.95 -10.90 -2.07
N ASP B 215 -17.65 -11.17 -3.17
CA ASP B 215 -19.14 -11.26 -3.16
C ASP B 215 -19.60 -12.18 -4.29
N ALA B 216 -19.84 -13.46 -3.98
CA ALA B 216 -20.24 -14.52 -4.94
C ALA B 216 -21.62 -14.24 -5.54
N SER B 217 -22.49 -13.50 -4.84
CA SER B 217 -23.89 -13.22 -5.26
C SER B 217 -23.91 -12.17 -6.38
N LYS B 218 -22.84 -11.39 -6.54
CA LYS B 218 -22.70 -10.41 -7.65
C LYS B 218 -22.63 -11.15 -8.99
N GLU B 219 -23.14 -10.54 -10.05
CA GLU B 219 -23.08 -11.06 -11.44
C GLU B 219 -21.64 -10.90 -11.97
N TYR B 220 -21.13 -11.88 -12.73
CA TYR B 220 -19.79 -11.77 -13.37
C TYR B 220 -19.89 -10.63 -14.36
N PRO B 221 -18.88 -9.73 -14.47
CA PRO B 221 -18.96 -8.65 -15.45
C PRO B 221 -19.13 -9.19 -16.88
N SER B 222 -19.92 -8.49 -17.69
CA SER B 222 -20.07 -8.77 -19.14
C SER B 222 -18.83 -8.24 -19.86
N TYR B 223 -18.62 -8.72 -21.07
CA TYR B 223 -17.55 -8.25 -21.97
C TYR B 223 -17.61 -6.72 -22.09
N ALA B 224 -18.84 -6.19 -22.16
CA ALA B 224 -19.16 -4.75 -22.29
C ALA B 224 -18.72 -3.96 -21.05
N GLU B 225 -18.92 -4.50 -19.85
CA GLU B 225 -18.65 -3.80 -18.56
C GLU B 225 -17.15 -3.79 -18.24
N PHE B 226 -16.37 -4.80 -18.66
CA PHE B 226 -14.94 -4.90 -18.31
C PHE B 226 -14.13 -4.04 -19.30
N ALA B 227 -13.46 -3.01 -18.78
CA ALA B 227 -12.72 -1.99 -19.57
C ALA B 227 -11.58 -2.66 -20.36
N GLU B 228 -10.97 -3.74 -19.85
CA GLU B 228 -9.88 -4.48 -20.56
C GLU B 228 -10.45 -5.69 -21.33
N GLY B 229 -11.77 -5.78 -21.51
CA GLY B 229 -12.43 -6.86 -22.28
C GLY B 229 -11.80 -7.06 -23.67
N TYR B 230 -11.53 -5.95 -24.38
CA TYR B 230 -10.94 -5.92 -25.75
C TYR B 230 -9.51 -6.49 -25.74
N LEU B 231 -8.72 -6.21 -24.70
CA LEU B 231 -7.35 -6.80 -24.57
C LEU B 231 -7.49 -8.31 -24.32
N LEU B 232 -8.38 -8.70 -23.42
CA LEU B 232 -8.57 -10.11 -22.99
C LEU B 232 -9.14 -10.94 -24.16
N THR B 233 -10.06 -10.37 -24.93
CA THR B 233 -10.86 -10.97 -26.04
C THR B 233 -12.08 -11.66 -25.43
N ARG B 234 -13.14 -11.80 -26.24
CA ARG B 234 -14.43 -12.42 -25.82
C ARG B 234 -14.22 -13.88 -25.43
N ASP B 235 -13.49 -14.64 -26.27
CA ASP B 235 -13.29 -16.09 -26.01
C ASP B 235 -12.58 -16.28 -24.68
N SER B 236 -11.56 -15.48 -24.41
CA SER B 236 -10.80 -15.57 -23.14
C SER B 236 -11.73 -15.16 -21.98
N MET B 237 -12.50 -14.11 -22.17
CA MET B 237 -13.42 -13.63 -21.10
C MET B 237 -14.41 -14.75 -20.71
N GLU B 238 -14.95 -15.48 -21.68
CA GLU B 238 -15.89 -16.61 -21.45
C GLU B 238 -15.22 -17.69 -20.61
N TRP B 239 -13.91 -17.93 -20.83
CA TRP B 239 -13.18 -18.93 -20.02
C TRP B 239 -13.14 -18.49 -18.56
N PHE B 240 -12.77 -17.22 -18.31
CA PHE B 240 -12.60 -16.71 -16.92
C PHE B 240 -13.98 -16.73 -16.23
N MET B 241 -15.00 -16.39 -16.97
CA MET B 241 -16.40 -16.36 -16.43
C MET B 241 -16.83 -17.78 -16.04
N ALA B 242 -16.61 -18.77 -16.91
CA ALA B 242 -16.96 -20.18 -16.64
C ALA B 242 -16.12 -20.70 -15.48
N ALA B 243 -14.82 -20.36 -15.42
CA ALA B 243 -13.95 -20.86 -14.34
C ALA B 243 -14.42 -20.27 -13.00
N TYR B 244 -14.82 -19.01 -12.99
CA TYR B 244 -15.34 -18.28 -11.78
C TYR B 244 -16.64 -18.97 -11.28
N LYS B 245 -17.58 -19.28 -12.17
CA LYS B 245 -18.84 -20.02 -11.85
C LYS B 245 -18.53 -21.39 -11.24
N SER B 246 -17.57 -22.12 -11.84
CA SER B 246 -17.13 -23.44 -11.33
C SER B 246 -16.56 -23.28 -9.92
N GLU B 247 -15.71 -22.27 -9.70
CA GLU B 247 -15.17 -22.04 -8.34
C GLU B 247 -16.33 -21.69 -7.35
N ALA B 248 -17.26 -20.83 -7.75
CA ALA B 248 -18.35 -20.31 -6.89
C ALA B 248 -19.29 -21.46 -6.45
N ASP B 249 -19.46 -22.48 -7.28
CA ASP B 249 -20.20 -23.74 -6.94
C ASP B 249 -19.51 -24.50 -5.80
N HIS B 250 -18.18 -24.49 -5.74
CA HIS B 250 -17.39 -25.33 -4.79
C HIS B 250 -17.02 -24.57 -3.52
N ILE B 251 -16.71 -23.27 -3.63
CA ILE B 251 -16.10 -22.51 -2.51
C ILE B 251 -17.01 -21.31 -2.23
N ARG B 252 -17.62 -21.30 -1.05
CA ARG B 252 -18.74 -20.38 -0.74
C ARG B 252 -18.54 -19.77 0.63
N SER B 253 -18.55 -18.44 0.64
CA SER B 253 -18.62 -17.59 1.85
C SER B 253 -19.35 -16.31 1.45
N SER B 254 -19.88 -15.59 2.43
CA SER B 254 -20.67 -14.37 2.18
C SER B 254 -19.74 -13.16 2.35
N PRO B 255 -20.09 -11.99 1.79
CA PRO B 255 -19.24 -10.81 1.93
C PRO B 255 -19.13 -10.40 3.40
N LEU B 256 -17.96 -9.92 3.82
CA LEU B 256 -17.78 -9.28 5.16
C LEU B 256 -18.52 -7.94 5.10
N LEU B 257 -19.50 -7.72 5.98
CA LEU B 257 -20.47 -6.61 5.80
C LEU B 257 -20.10 -5.36 6.61
N GLY B 258 -19.58 -5.48 7.83
CA GLY B 258 -19.52 -4.28 8.72
C GLY B 258 -18.35 -3.33 8.48
N ASP B 259 -17.99 -2.60 9.53
CA ASP B 259 -16.81 -1.70 9.61
C ASP B 259 -15.54 -2.55 9.53
N LEU B 260 -14.53 -2.13 8.73
CA LEU B 260 -13.24 -2.89 8.57
C LEU B 260 -12.21 -2.39 9.58
N ALA B 261 -12.55 -1.40 10.40
CA ALA B 261 -11.63 -0.92 11.47
C ALA B 261 -11.18 -2.13 12.31
N GLY B 262 -9.93 -2.16 12.76
CA GLY B 262 -9.40 -3.28 13.58
C GLY B 262 -8.90 -4.47 12.76
N MET B 263 -9.16 -4.54 11.44
CA MET B 263 -8.71 -5.70 10.61
C MET B 263 -7.21 -5.70 10.53
N PRO B 264 -6.55 -6.85 10.28
CA PRO B 264 -5.09 -6.89 10.26
C PRO B 264 -4.49 -6.16 9.05
N PRO B 265 -3.26 -5.62 9.19
CA PRO B 265 -2.57 -5.00 8.07
C PRO B 265 -2.50 -5.97 6.88
N ALA B 266 -2.61 -5.42 5.68
CA ALA B 266 -2.92 -6.21 4.48
C ALA B 266 -1.94 -5.94 3.32
N VAL B 267 -1.73 -7.00 2.52
CA VAL B 267 -1.21 -6.87 1.13
C VAL B 267 -2.33 -7.39 0.26
N VAL B 268 -2.87 -6.56 -0.61
CA VAL B 268 -3.98 -6.96 -1.49
C VAL B 268 -3.45 -6.94 -2.93
N VAL B 269 -3.55 -8.07 -3.62
CA VAL B 269 -2.99 -8.18 -4.99
C VAL B 269 -4.10 -8.48 -5.96
N THR B 270 -4.24 -7.68 -7.01
CA THR B 270 -5.22 -7.92 -8.08
C THR B 270 -4.51 -8.30 -9.37
N GLY B 271 -5.28 -8.78 -10.33
CA GLY B 271 -4.83 -9.02 -11.71
C GLY B 271 -5.29 -7.93 -12.65
N GLY B 272 -4.36 -7.33 -13.39
CA GLY B 272 -4.69 -6.23 -14.33
C GLY B 272 -5.72 -6.64 -15.38
N LEU B 273 -5.68 -7.91 -15.83
CA LEU B 273 -6.59 -8.44 -16.88
C LEU B 273 -7.70 -9.30 -16.25
N ASP B 274 -7.91 -9.18 -14.93
CA ASP B 274 -8.89 -9.97 -14.17
C ASP B 274 -10.20 -9.19 -14.17
N PRO B 275 -11.28 -9.69 -14.81
CA PRO B 275 -12.57 -8.99 -14.78
C PRO B 275 -13.07 -8.63 -13.38
N ILE B 276 -12.69 -9.38 -12.34
CA ILE B 276 -13.12 -9.06 -10.95
C ILE B 276 -12.04 -8.27 -10.19
N ARG B 277 -11.10 -7.61 -10.89
CA ARG B 277 -10.09 -6.76 -10.20
C ARG B 277 -10.80 -5.70 -9.31
N ASP B 278 -12.00 -5.25 -9.67
CA ASP B 278 -12.74 -4.22 -8.91
C ASP B 278 -12.97 -4.68 -7.47
N GLN B 279 -13.11 -5.98 -7.24
CA GLN B 279 -13.40 -6.52 -5.88
C GLN B 279 -12.17 -6.34 -5.00
N GLY B 280 -10.98 -6.73 -5.48
CA GLY B 280 -9.75 -6.53 -4.70
C GLY B 280 -9.41 -5.05 -4.54
N ARG B 281 -9.53 -4.26 -5.61
CA ARG B 281 -9.32 -2.78 -5.53
C ARG B 281 -10.25 -2.18 -4.44
N ALA B 282 -11.54 -2.55 -4.45
CA ALA B 282 -12.54 -1.98 -3.50
C ALA B 282 -12.24 -2.41 -2.07
N TYR B 283 -11.70 -3.62 -1.87
CA TYR B 283 -11.33 -4.09 -0.52
C TYR B 283 -10.14 -3.28 0.00
N ALA B 284 -9.11 -3.10 -0.82
CA ALA B 284 -7.93 -2.29 -0.47
C ALA B 284 -8.39 -0.86 -0.12
N ALA B 285 -9.26 -0.28 -0.93
CA ALA B 285 -9.79 1.09 -0.75
C ALA B 285 -10.56 1.20 0.57
N ALA B 286 -11.40 0.20 0.91
CA ALA B 286 -12.21 0.19 2.15
C ALA B 286 -11.29 0.04 3.39
N LEU B 287 -10.22 -0.74 3.29
CA LEU B 287 -9.23 -0.82 4.39
C LEU B 287 -8.61 0.57 4.60
N ALA B 288 -8.14 1.24 3.55
CA ALA B 288 -7.48 2.56 3.69
C ALA B 288 -8.49 3.52 4.35
N LEU B 289 -9.75 3.51 3.91
CA LEU B 289 -10.77 4.47 4.47
C LEU B 289 -10.97 4.24 5.97
N ALA B 290 -10.80 2.99 6.44
CA ALA B 290 -10.96 2.61 7.87
C ALA B 290 -9.67 2.79 8.64
N GLY B 291 -8.58 3.21 7.99
CA GLY B 291 -7.32 3.45 8.68
C GLY B 291 -6.52 2.18 8.91
N VAL B 292 -6.82 1.12 8.16
CA VAL B 292 -6.03 -0.15 8.21
C VAL B 292 -4.88 -0.06 7.20
N PRO B 293 -3.63 -0.23 7.64
CA PRO B 293 -2.50 -0.20 6.71
C PRO B 293 -2.67 -1.24 5.61
N VAL B 294 -2.44 -0.83 4.37
CA VAL B 294 -2.64 -1.76 3.22
C VAL B 294 -1.63 -1.44 2.13
N VAL B 295 -1.00 -2.49 1.63
CA VAL B 295 -0.17 -2.46 0.40
C VAL B 295 -1.03 -3.00 -0.73
N PHE B 296 -1.46 -2.13 -1.64
CA PHE B 296 -2.23 -2.51 -2.82
C PHE B 296 -1.26 -2.64 -4.01
N ARG B 297 -1.33 -3.79 -4.68
CA ARG B 297 -0.52 -4.13 -5.86
C ARG B 297 -1.42 -4.70 -6.95
N GLU B 298 -1.15 -4.35 -8.20
CA GLU B 298 -1.90 -4.91 -9.35
C GLU B 298 -0.89 -5.43 -10.36
N ALA B 299 -1.01 -6.68 -10.74
CA ALA B 299 -0.13 -7.34 -11.71
C ALA B 299 -0.58 -6.93 -13.11
N LYS B 300 0.06 -5.89 -13.64
CA LYS B 300 -0.35 -5.32 -14.93
C LYS B 300 -0.09 -6.35 -16.03
N GLY B 301 -1.09 -6.58 -16.84
CA GLY B 301 -1.00 -7.50 -18.00
C GLY B 301 -1.03 -8.96 -17.58
N ASN B 302 -1.32 -9.27 -16.31
CA ASN B 302 -1.50 -10.67 -15.87
C ASN B 302 -2.97 -10.93 -15.51
N ILE B 303 -3.31 -12.20 -15.42
CA ILE B 303 -4.71 -12.70 -15.36
C ILE B 303 -5.07 -13.19 -13.97
N HIS B 304 -6.37 -13.37 -13.75
CA HIS B 304 -6.94 -14.12 -12.61
C HIS B 304 -6.24 -15.48 -12.56
N GLY B 305 -5.78 -15.91 -11.38
CA GLY B 305 -5.37 -17.28 -11.09
C GLY B 305 -3.87 -17.50 -11.28
N PHE B 306 -3.05 -16.43 -11.30
CA PHE B 306 -1.61 -16.54 -11.65
C PHE B 306 -0.77 -17.26 -10.58
N ILE B 307 -1.22 -17.39 -9.32
CA ILE B 307 -0.27 -17.89 -8.28
C ILE B 307 0.04 -19.39 -8.48
N THR B 308 -0.81 -20.15 -9.18
CA THR B 308 -0.52 -21.56 -9.55
C THR B 308 -0.21 -21.67 -11.05
N LEU B 309 0.17 -20.56 -11.72
CA LEU B 309 0.60 -20.58 -13.14
C LEU B 309 2.04 -20.09 -13.28
N ARG B 310 2.88 -20.35 -12.29
CA ARG B 310 4.25 -19.79 -12.27
C ARG B 310 5.15 -20.53 -13.28
N LYS B 311 4.76 -21.71 -13.75
CA LYS B 311 5.54 -22.41 -14.80
C LYS B 311 4.98 -21.97 -16.15
N ALA B 312 3.66 -21.98 -16.35
CA ALA B 312 3.04 -21.62 -17.65
C ALA B 312 3.26 -20.14 -17.96
N ILE B 313 3.28 -19.30 -16.91
CA ILE B 313 3.42 -17.82 -17.01
C ILE B 313 4.52 -17.42 -16.06
N PRO B 314 5.81 -17.61 -16.47
CA PRO B 314 6.95 -17.34 -15.59
C PRO B 314 6.99 -15.91 -15.04
N SER B 315 6.46 -14.94 -15.78
CA SER B 315 6.37 -13.52 -15.34
C SER B 315 5.54 -13.43 -14.04
N SER B 316 4.70 -14.43 -13.74
CA SER B 316 3.93 -14.49 -12.46
C SER B 316 4.87 -14.59 -11.26
N VAL B 317 6.08 -15.11 -11.42
CA VAL B 317 7.05 -15.22 -10.29
C VAL B 317 7.31 -13.81 -9.75
N GLY B 318 7.58 -12.83 -10.61
CA GLY B 318 7.80 -11.44 -10.17
C GLY B 318 6.59 -10.90 -9.38
N ASP B 319 5.38 -11.18 -9.84
CA ASP B 319 4.13 -10.71 -9.16
C ASP B 319 4.07 -11.32 -7.76
N VAL B 320 4.32 -12.62 -7.64
CA VAL B 320 4.22 -13.31 -6.33
C VAL B 320 5.34 -12.83 -5.42
N MET B 321 6.57 -12.70 -5.89
CA MET B 321 7.73 -12.32 -5.03
CA MET B 321 7.75 -12.30 -5.06
C MET B 321 7.53 -10.88 -4.52
N GLY B 322 6.92 -10.02 -5.34
CA GLY B 322 6.63 -8.64 -4.91
C GLY B 322 5.65 -8.63 -3.75
N ALA B 323 4.61 -9.46 -3.83
CA ALA B 323 3.62 -9.63 -2.76
C ALA B 323 4.30 -10.23 -1.50
N PHE B 324 5.18 -11.22 -1.68
CA PHE B 324 5.87 -11.87 -0.53
C PHE B 324 6.78 -10.86 0.15
N ALA B 325 7.45 -9.98 -0.62
CA ALA B 325 8.40 -8.98 -0.04
C ALA B 325 7.62 -7.98 0.79
N ALA B 326 6.45 -7.57 0.33
CA ALA B 326 5.61 -6.62 1.08
C ALA B 326 5.10 -7.31 2.34
N LEU B 327 4.67 -8.57 2.23
CA LEU B 327 4.18 -9.34 3.40
C LEU B 327 5.29 -9.47 4.46
N LYS B 328 6.52 -9.73 4.03
CA LYS B 328 7.69 -9.85 4.93
C LYS B 328 7.91 -8.55 5.72
N ASP B 329 7.77 -7.40 5.06
CA ASP B 329 7.93 -6.05 5.69
C ASP B 329 6.88 -5.90 6.79
N ILE B 330 5.65 -6.34 6.54
CA ILE B 330 4.56 -6.26 7.56
C ILE B 330 4.93 -7.12 8.77
N ILE B 331 5.40 -8.35 8.52
CA ILE B 331 5.74 -9.33 9.60
C ILE B 331 6.89 -8.76 10.44
N VAL B 332 7.92 -8.26 9.78
CA VAL B 332 9.10 -7.68 10.47
C VAL B 332 8.62 -6.52 11.34
N GLU B 333 7.81 -5.61 10.80
CA GLU B 333 7.34 -4.41 11.55
C GLU B 333 6.40 -4.86 12.69
N ALA B 334 5.62 -5.92 12.48
CA ALA B 334 4.64 -6.42 13.47
C ALA B 334 5.40 -6.99 14.68
N GLU B 335 6.57 -7.61 14.45
CA GLU B 335 7.37 -8.32 15.50
C GLU B 335 8.39 -7.37 16.14
N GLY B 336 8.76 -6.27 15.47
CA GLY B 336 9.52 -5.16 16.07
C GLY B 336 8.70 -4.50 17.14
N ASP B 337 7.46 -4.22 16.72
CA ASP B 337 6.51 -3.46 17.55
C ASP B 337 6.15 -4.30 18.81
N ARG B 338 6.63 -5.57 18.92
CA ARG B 338 6.27 -6.59 19.97
C ARG B 338 7.52 -7.37 20.37
#